data_7TEM
#
_entry.id   7TEM
#
_cell.length_a   54.774
_cell.length_b   90.016
_cell.length_c   181.301
_cell.angle_alpha   90.000
_cell.angle_beta   90.000
_cell.angle_gamma   90.000
#
_symmetry.space_group_name_H-M   'P 21 21 21'
#
loop_
_entity.id
_entity.type
_entity.pdbx_description
1 polymer 'Putative exported protein YPO2471'
2 branched beta-D-fructofuranose-(2-1)-alpha-D-glucopyranose
3 non-polymer 'CHLORIDE ION'
4 non-polymer 1,2-ETHANEDIOL
5 non-polymer 'ACETIC ACID'
6 non-polymer GLYCEROL
7 water water
#
_entity_poly.entity_id   1
_entity_poly.type   'polypeptide(L)'
_entity_poly.pdbx_seq_one_letter_code
;SNA(MSE)KLLNTLVCIIGLTSFSSSAKLVNAEHLDALYQKVTVANKTELGLIHIYSEFPDYRWVKDPIEGVSAIDDVAR
AAIFYQRQYQATGSAADLEKVKSLVEFILYQRADNGYFYNFIYPDHSINKEYKTSVAEPNWWTWRALWALTQVYPTLVKT
DNALAQRTRETIFATIDVIYKDFNFKQTRGEKEGVAVPEWLPHTAGDQASVLL(MSE)ALSDAQALEAKPEIEK(MSE)
(MSE)RSLAAGI(MSE)L(MSE)QVKDTSSPVNGAFLSWQNLWHGYGNSQAYALLVAGNRLGDRD(MSE)IKAAFNELDH
FHPWLISNGLLNEFTVRQQGEKVTLIEQKKFSQIAYIIRP(MSE)VFANIKAWEISRDAVYLERAVDLSLWFFKNNPAQA
Q(MSE)YYPVTGIAFDGIDSATTVNKNSGAESTIEALLTLQLIESIPDAKR(MSE)LESALEKRNIKQ
;
_entity_poly.pdbx_strand_id   A,B
#
# COMPACT_ATOMS: atom_id res chain seq x y z
N LYS A 24 -6.96 4.48 34.51
CA LYS A 24 -8.31 4.23 34.01
C LYS A 24 -8.49 4.81 32.60
N LEU A 25 -7.93 6.00 32.33
CA LEU A 25 -7.97 6.49 30.96
C LEU A 25 -7.07 5.68 30.04
N VAL A 26 -5.84 5.40 30.51
CA VAL A 26 -4.86 4.72 29.68
C VAL A 26 -5.27 3.26 29.55
N ASN A 27 -5.46 2.81 28.32
CA ASN A 27 -5.88 1.43 28.09
C ASN A 27 -5.05 0.89 26.95
N ALA A 28 -4.16 -0.06 27.24
CA ALA A 28 -3.24 -0.55 26.24
C ALA A 28 -3.83 -1.67 25.40
N GLU A 29 -5.13 -1.95 25.51
N GLU A 29 -5.13 -1.97 25.53
CA GLU A 29 -5.72 -3.14 24.88
CA GLU A 29 -5.70 -3.14 24.86
C GLU A 29 -5.54 -3.13 23.35
C GLU A 29 -5.47 -3.11 23.35
N HIS A 30 -5.70 -1.97 22.70
CA HIS A 30 -5.51 -1.95 21.24
C HIS A 30 -4.03 -2.06 20.88
N LEU A 31 -3.14 -1.36 21.60
CA LEU A 31 -1.70 -1.50 21.31
C LEU A 31 -1.26 -2.95 21.51
N ASP A 32 -1.77 -3.59 22.56
CA ASP A 32 -1.48 -5.00 22.83
C ASP A 32 -1.92 -5.87 21.66
N ALA A 33 -3.04 -5.50 21.02
CA ALA A 33 -3.53 -6.30 19.90
C ALA A 33 -2.67 -6.08 18.65
N LEU A 34 -1.99 -4.93 18.55
CA LEU A 34 -1.07 -4.70 17.44
C LEU A 34 0.26 -5.38 17.65
N TYR A 35 0.57 -5.76 18.89
CA TYR A 35 1.83 -6.40 19.22
C TYR A 35 1.85 -7.85 18.75
N GLN A 36 3.00 -8.28 18.24
CA GLN A 36 3.19 -9.68 17.87
C GLN A 36 4.62 -10.09 18.16
N LYS A 37 4.82 -11.17 18.91
CA LYS A 37 6.14 -11.74 19.11
C LYS A 37 6.37 -12.80 18.04
N VAL A 38 7.44 -12.63 17.27
CA VAL A 38 7.78 -13.57 16.21
C VAL A 38 9.15 -14.15 16.53
N THR A 39 9.34 -15.40 16.14
CA THR A 39 10.62 -16.06 16.30
C THR A 39 11.28 -16.21 14.93
N VAL A 40 12.55 -15.82 14.85
CA VAL A 40 13.31 -15.97 13.64
C VAL A 40 14.62 -16.65 14.00
N ALA A 41 15.20 -17.32 13.01
CA ALA A 41 16.55 -17.91 13.07
C ALA A 41 16.67 -18.82 14.29
N ASN A 42 17.68 -18.66 15.14
CA ASN A 42 17.89 -19.58 16.26
C ASN A 42 17.34 -18.90 17.51
N LYS A 43 16.04 -19.12 17.78
CA LYS A 43 15.39 -18.68 19.00
C LYS A 43 15.53 -17.18 19.23
N THR A 44 15.56 -16.39 18.14
CA THR A 44 15.56 -14.94 18.24
C THR A 44 14.11 -14.48 18.28
N GLU A 45 13.69 -13.93 19.41
CA GLU A 45 12.31 -13.49 19.58
C GLU A 45 12.20 -11.98 19.41
N LEU A 46 11.45 -11.55 18.40
CA LEU A 46 11.33 -10.15 18.06
C LEU A 46 9.94 -9.66 18.43
N GLY A 47 9.86 -8.51 19.09
CA GLY A 47 8.56 -7.90 19.30
C GLY A 47 8.22 -6.88 18.22
N LEU A 48 7.14 -7.14 17.49
CA LEU A 48 6.69 -6.23 16.44
C LEU A 48 5.44 -5.48 16.90
N ILE A 49 5.22 -4.31 16.29
CA ILE A 49 3.98 -3.56 16.45
C ILE A 49 3.43 -3.34 15.04
N HIS A 50 2.31 -3.97 14.73
CA HIS A 50 1.77 -3.86 13.38
C HIS A 50 1.36 -2.43 13.08
N ILE A 51 1.71 -2.00 11.85
CA ILE A 51 1.77 -0.56 11.57
C ILE A 51 0.37 0.04 11.47
N TYR A 52 -0.56 -0.64 10.80
CA TYR A 52 -1.91 -0.11 10.57
C TYR A 52 -2.99 -1.04 11.11
N SER A 53 -4.19 -0.49 11.29
CA SER A 53 -5.32 -1.28 11.77
C SER A 53 -6.58 -0.50 11.43
N GLU A 54 -7.53 -1.14 10.74
CA GLU A 54 -8.57 -0.37 10.04
C GLU A 54 -9.96 -0.61 10.61
N PHE A 55 -10.72 0.47 10.71
CA PHE A 55 -12.14 0.37 11.00
C PHE A 55 -12.85 -0.54 10.00
N PRO A 56 -13.80 -1.39 10.44
CA PRO A 56 -14.34 -1.55 11.81
C PRO A 56 -13.76 -2.71 12.61
N ASP A 57 -12.98 -3.57 11.96
N ASP A 57 -12.98 -3.59 11.99
CA ASP A 57 -12.53 -4.81 12.58
CA ASP A 57 -12.56 -4.79 12.68
C ASP A 57 -11.22 -4.68 13.36
C ASP A 57 -11.24 -4.65 13.42
N TYR A 58 -10.42 -3.65 13.05
CA TYR A 58 -9.18 -3.34 13.77
C TYR A 58 -8.27 -4.57 13.92
N ARG A 59 -7.97 -5.20 12.78
N ARG A 59 -7.98 -5.20 12.78
CA ARG A 59 -7.00 -6.28 12.74
CA ARG A 59 -7.01 -6.28 12.70
C ARG A 59 -5.64 -5.72 12.30
C ARG A 59 -5.69 -5.73 12.19
N TRP A 60 -4.72 -6.60 11.95
CA TRP A 60 -3.42 -6.14 11.47
C TRP A 60 -3.52 -5.75 10.01
N VAL A 61 -3.03 -4.55 9.69
CA VAL A 61 -2.97 -4.09 8.30
C VAL A 61 -1.53 -3.68 8.01
N LYS A 62 -1.04 -4.02 6.83
CA LYS A 62 0.36 -3.74 6.51
C LYS A 62 0.42 -2.59 5.53
N ASP A 63 1.63 -2.05 5.35
CA ASP A 63 1.91 -1.26 4.16
C ASP A 63 2.35 -2.21 3.07
N PRO A 64 1.62 -2.30 1.96
CA PRO A 64 1.92 -3.38 1.00
C PRO A 64 3.32 -3.33 0.45
N ILE A 65 3.89 -2.14 0.31
CA ILE A 65 5.21 -1.99 -0.26
C ILE A 65 6.29 -2.08 0.81
N GLU A 66 6.04 -1.49 1.98
CA GLU A 66 7.10 -1.28 2.97
C GLU A 66 7.22 -2.40 4.01
N GLY A 67 6.11 -3.02 4.43
CA GLY A 67 6.16 -4.12 5.39
C GLY A 67 5.14 -3.98 6.51
N VAL A 68 5.30 -4.82 7.54
CA VAL A 68 4.27 -5.00 8.57
C VAL A 68 4.51 -4.16 9.82
N SER A 69 5.75 -3.74 10.07
CA SER A 69 6.08 -3.07 11.32
C SER A 69 7.36 -2.28 11.10
N ALA A 70 7.49 -1.14 11.77
CA ALA A 70 8.62 -0.26 11.57
C ALA A 70 9.21 0.16 12.91
N ILE A 71 10.52 0.35 12.92
CA ILE A 71 11.21 0.90 14.09
C ILE A 71 10.59 2.22 14.54
N ASP A 72 10.15 3.04 13.57
CA ASP A 72 9.49 4.31 13.91
C ASP A 72 8.44 4.12 14.99
N ASP A 73 7.68 3.03 14.92
CA ASP A 73 6.62 2.74 15.88
C ASP A 73 7.10 1.88 17.06
N VAL A 74 7.86 0.81 16.77
CA VAL A 74 8.35 -0.09 17.81
C VAL A 74 9.12 0.72 18.87
N ALA A 75 9.92 1.68 18.44
CA ALA A 75 10.74 2.44 19.38
C ALA A 75 9.85 3.20 20.36
N ARG A 76 8.79 3.82 19.83
CA ARG A 76 7.92 4.58 20.71
C ARG A 76 7.08 3.66 21.58
N ALA A 77 6.67 2.52 21.04
CA ALA A 77 5.97 1.52 21.85
C ALA A 77 6.84 1.03 23.00
N ALA A 78 8.14 0.83 22.76
CA ALA A 78 9.03 0.40 23.83
C ALA A 78 9.02 1.40 24.99
N ILE A 79 9.02 2.70 24.66
CA ILE A 79 8.97 3.73 25.70
C ILE A 79 7.66 3.69 26.45
N PHE A 80 6.52 3.55 25.75
CA PHE A 80 5.25 3.43 26.44
C PHE A 80 5.27 2.27 27.43
N TYR A 81 5.67 1.09 26.97
CA TYR A 81 5.61 -0.06 27.86
C TYR A 81 6.64 0.05 28.98
N GLN A 82 7.79 0.67 28.73
CA GLN A 82 8.76 0.87 29.82
C GLN A 82 8.17 1.80 30.87
N ARG A 83 7.50 2.86 30.45
CA ARG A 83 6.85 3.75 31.41
C ARG A 83 5.73 3.05 32.17
N GLN A 84 4.98 2.16 31.48
CA GLN A 84 3.95 1.39 32.18
C GLN A 84 4.58 0.51 33.24
N TYR A 85 5.68 -0.17 32.89
CA TYR A 85 6.40 -1.01 33.85
C TYR A 85 6.89 -0.18 35.05
N GLN A 86 7.38 1.03 34.78
N GLN A 86 7.42 1.02 34.78
CA GLN A 86 7.84 1.90 35.86
CA GLN A 86 7.82 1.90 35.87
C GLN A 86 6.69 2.28 36.79
C GLN A 86 6.66 2.19 36.80
N ALA A 87 5.49 2.45 36.23
CA ALA A 87 4.34 2.82 37.05
C ALA A 87 3.71 1.63 37.78
N THR A 88 3.75 0.43 37.19
CA THR A 88 2.99 -0.72 37.71
C THR A 88 3.83 -1.91 38.11
N GLY A 89 5.05 -2.06 37.61
CA GLY A 89 5.84 -3.24 37.90
C GLY A 89 5.33 -4.53 37.28
N SER A 90 4.49 -4.42 36.25
CA SER A 90 3.87 -5.58 35.63
C SER A 90 4.90 -6.38 34.84
N ALA A 91 4.98 -7.68 35.13
CA ALA A 91 5.88 -8.54 34.38
C ALA A 91 5.56 -8.54 32.88
N ALA A 92 4.28 -8.39 32.52
CA ALA A 92 3.93 -8.44 31.09
C ALA A 92 4.44 -7.21 30.35
N ASP A 93 4.42 -6.04 30.99
CA ASP A 93 4.99 -4.84 30.38
C ASP A 93 6.48 -5.00 30.16
N LEU A 94 7.18 -5.59 31.13
CA LEU A 94 8.62 -5.77 31.01
C LEU A 94 8.95 -6.73 29.88
N GLU A 95 8.17 -7.80 29.75
CA GLU A 95 8.39 -8.72 28.63
C GLU A 95 8.23 -8.02 27.30
N LYS A 96 7.27 -7.09 27.20
CA LYS A 96 7.13 -6.38 25.95
C LYS A 96 8.31 -5.46 25.69
N VAL A 97 8.80 -4.78 26.73
CA VAL A 97 10.00 -3.96 26.58
C VAL A 97 11.15 -4.80 26.01
N LYS A 98 11.38 -5.98 26.59
CA LYS A 98 12.52 -6.78 26.17
C LYS A 98 12.39 -7.19 24.71
N SER A 99 11.19 -7.58 24.28
CA SER A 99 11.07 -8.07 22.92
C SER A 99 11.08 -6.93 21.92
N LEU A 100 10.53 -5.77 22.28
CA LEU A 100 10.62 -4.63 21.37
C LEU A 100 12.06 -4.17 21.24
N VAL A 101 12.82 -4.19 22.35
CA VAL A 101 14.24 -3.87 22.27
C VAL A 101 14.98 -4.86 21.37
N GLU A 102 14.63 -6.15 21.46
N GLU A 102 14.61 -6.14 21.45
CA GLU A 102 15.30 -7.12 20.59
CA GLU A 102 15.25 -7.16 20.62
C GLU A 102 15.08 -6.77 19.12
C GLU A 102 15.05 -6.85 19.14
N PHE A 103 13.87 -6.33 18.77
CA PHE A 103 13.61 -5.91 17.39
C PHE A 103 14.47 -4.70 17.01
N ILE A 104 14.56 -3.71 17.91
CA ILE A 104 15.43 -2.57 17.65
C ILE A 104 16.86 -3.05 17.37
N LEU A 105 17.37 -3.94 18.21
CA LEU A 105 18.75 -4.38 18.02
C LEU A 105 18.86 -5.23 16.76
N TYR A 106 17.81 -5.97 16.44
CA TYR A 106 17.80 -6.78 15.23
C TYR A 106 17.97 -5.93 13.99
N GLN A 107 17.51 -4.70 14.04
CA GLN A 107 17.49 -3.81 12.89
C GLN A 107 18.75 -2.99 12.76
N ARG A 108 19.71 -3.13 13.67
N ARG A 108 19.72 -3.11 13.66
CA ARG A 108 20.96 -2.40 13.55
CA ARG A 108 20.93 -2.31 13.53
C ARG A 108 21.72 -2.91 12.33
C ARG A 108 21.79 -2.87 12.40
N ALA A 109 22.14 -2.00 11.47
CA ALA A 109 22.95 -2.37 10.32
C ALA A 109 24.45 -2.39 10.67
N ASP A 110 25.23 -3.03 9.80
CA ASP A 110 26.68 -3.09 10.01
C ASP A 110 27.30 -1.70 10.05
N ASN A 111 26.72 -0.74 9.33
CA ASN A 111 27.29 0.60 9.32
C ASN A 111 26.91 1.42 10.55
N GLY A 112 26.17 0.84 11.50
CA GLY A 112 25.82 1.52 12.74
C GLY A 112 24.50 2.27 12.73
N TYR A 113 23.91 2.49 11.55
CA TYR A 113 22.55 3.00 11.45
C TYR A 113 21.58 1.83 11.53
N PHE A 114 20.28 2.12 11.39
CA PHE A 114 19.22 1.14 11.58
C PHE A 114 18.36 1.05 10.32
N TYR A 115 17.93 -0.16 9.99
CA TYR A 115 16.81 -0.33 9.07
C TYR A 115 15.51 -0.03 9.80
N ASN A 116 14.46 0.26 9.05
CA ASN A 116 13.18 0.64 9.66
C ASN A 116 12.18 -0.51 9.66
N PHE A 117 11.83 -1.02 8.47
CA PHE A 117 10.72 -1.96 8.31
C PHE A 117 11.16 -3.42 8.29
N ILE A 118 10.24 -4.28 8.72
CA ILE A 118 10.35 -5.72 8.49
C ILE A 118 9.17 -6.14 7.62
N TYR A 119 9.41 -7.08 6.69
CA TYR A 119 8.40 -7.57 5.75
C TYR A 119 7.54 -8.65 6.40
N PRO A 120 6.40 -8.99 5.78
CA PRO A 120 5.55 -10.10 6.28
C PRO A 120 6.27 -11.43 6.43
N ASP A 121 7.30 -11.71 5.62
CA ASP A 121 8.04 -12.95 5.72
C ASP A 121 9.19 -12.85 6.72
N HIS A 122 9.25 -11.75 7.45
CA HIS A 122 10.20 -11.41 8.51
C HIS A 122 11.61 -11.18 8.00
N SER A 123 11.78 -11.03 6.68
CA SER A 123 13.03 -10.46 6.17
C SER A 123 13.00 -8.94 6.37
N ILE A 124 14.19 -8.34 6.37
CA ILE A 124 14.35 -6.92 6.66
C ILE A 124 14.21 -6.12 5.38
N ASN A 125 13.53 -4.98 5.47
CA ASN A 125 13.45 -4.08 4.33
C ASN A 125 14.70 -3.20 4.37
N LYS A 126 15.70 -3.55 3.56
CA LYS A 126 16.98 -2.85 3.62
C LYS A 126 17.16 -1.79 2.57
N GLU A 127 16.33 -1.78 1.54
CA GLU A 127 16.61 -0.96 0.37
C GLU A 127 15.57 0.10 0.07
N TYR A 128 14.36 0.01 0.62
CA TYR A 128 13.36 1.05 0.33
C TYR A 128 13.73 2.36 1.03
N LYS A 129 13.35 3.48 0.40
CA LYS A 129 13.77 4.80 0.85
C LYS A 129 13.31 5.13 2.26
N THR A 130 12.21 4.55 2.71
CA THR A 130 11.71 4.75 4.06
C THR A 130 12.33 3.76 5.06
N SER A 131 13.34 2.98 4.64
CA SER A 131 13.84 1.91 5.49
C SER A 131 15.36 1.74 5.46
N VAL A 132 16.09 2.42 4.58
CA VAL A 132 17.53 2.24 4.45
C VAL A 132 18.25 2.60 5.75
N ALA A 133 19.41 1.98 5.96
CA ALA A 133 20.24 2.28 7.12
C ALA A 133 21.11 3.48 6.80
N GLU A 134 20.47 4.64 6.79
CA GLU A 134 21.10 5.94 6.62
C GLU A 134 20.49 6.84 7.69
N PRO A 135 21.17 7.92 8.06
CA PRO A 135 20.65 8.78 9.13
C PRO A 135 19.26 9.30 8.77
N ASN A 136 18.32 9.03 9.66
CA ASN A 136 16.90 9.25 9.36
C ASN A 136 16.13 9.20 10.68
N TRP A 137 14.85 9.54 10.58
CA TRP A 137 13.95 9.52 11.73
C TRP A 137 14.08 8.25 12.55
N TRP A 138 14.12 7.09 11.88
CA TRP A 138 14.07 5.85 12.66
C TRP A 138 15.36 5.62 13.42
N THR A 139 16.49 6.14 12.93
CA THR A 139 17.72 6.11 13.74
C THR A 139 17.54 6.84 15.05
N TRP A 140 17.00 8.06 14.99
CA TRP A 140 16.91 8.88 16.18
C TRP A 140 15.91 8.28 17.15
N ARG A 141 14.79 7.77 16.63
CA ARG A 141 13.81 7.15 17.50
C ARG A 141 14.36 5.88 18.14
N ALA A 142 15.07 5.05 17.37
CA ALA A 142 15.69 3.86 17.95
C ALA A 142 16.64 4.23 19.08
N LEU A 143 17.48 5.23 18.86
CA LEU A 143 18.46 5.61 19.88
C LEU A 143 17.76 6.17 21.11
N TRP A 144 16.73 6.99 20.90
CA TRP A 144 16.02 7.53 22.04
C TRP A 144 15.36 6.40 22.84
N ALA A 145 14.73 5.43 22.14
CA ALA A 145 14.12 4.33 22.86
C ALA A 145 15.15 3.56 23.66
N LEU A 146 16.31 3.28 23.05
CA LEU A 146 17.33 2.54 23.79
C LEU A 146 17.82 3.29 25.03
N THR A 147 18.04 4.62 24.94
CA THR A 147 18.48 5.36 26.12
C THR A 147 17.37 5.42 27.17
N GLN A 148 16.11 5.47 26.74
CA GLN A 148 15.00 5.56 27.69
C GLN A 148 14.83 4.25 28.46
N VAL A 149 15.02 3.11 27.79
CA VAL A 149 14.73 1.84 28.46
C VAL A 149 15.94 1.23 29.14
N TYR A 150 17.15 1.73 28.88
CA TYR A 150 18.35 1.12 29.45
C TYR A 150 18.31 1.06 30.97
N PRO A 151 17.92 2.12 31.68
CA PRO A 151 17.91 2.02 33.16
C PRO A 151 16.98 0.93 33.66
N THR A 152 15.88 0.66 32.96
CA THR A 152 15.02 -0.46 33.32
C THR A 152 15.73 -1.79 33.06
N LEU A 153 16.36 -1.91 31.89
CA LEU A 153 17.00 -3.19 31.56
C LEU A 153 18.14 -3.53 32.52
N VAL A 154 18.90 -2.53 32.94
CA VAL A 154 20.07 -2.82 33.76
C VAL A 154 19.66 -3.37 35.12
N LYS A 155 18.45 -3.05 35.59
CA LYS A 155 17.94 -3.61 36.84
C LYS A 155 17.36 -5.01 36.67
N THR A 156 17.10 -5.45 35.45
CA THR A 156 16.28 -6.64 35.23
C THR A 156 16.94 -7.71 34.36
N ASP A 157 17.75 -7.32 33.37
CA ASP A 157 18.27 -8.26 32.37
C ASP A 157 19.69 -7.87 31.99
N ASN A 158 20.67 -8.47 32.67
CA ASN A 158 22.07 -8.06 32.50
C ASN A 158 22.52 -8.16 31.04
N ALA A 159 22.21 -9.29 30.39
CA ALA A 159 22.73 -9.51 29.04
C ALA A 159 22.11 -8.54 28.04
N LEU A 160 20.80 -8.29 28.15
CA LEU A 160 20.18 -7.36 27.22
C LEU A 160 20.61 -5.93 27.52
N ALA A 161 20.81 -5.61 28.79
CA ALA A 161 21.28 -4.28 29.14
C ALA A 161 22.67 -4.03 28.56
N GLN A 162 23.57 -5.02 28.65
N GLN A 162 23.56 -5.03 28.65
CA GLN A 162 24.91 -4.85 28.12
CA GLN A 162 24.92 -4.86 28.12
C GLN A 162 24.88 -4.63 26.60
C GLN A 162 24.89 -4.64 26.61
N ARG A 163 24.06 -5.39 25.90
CA ARG A 163 23.96 -5.20 24.45
C ARG A 163 23.39 -3.83 24.14
N THR A 164 22.40 -3.38 24.93
CA THR A 164 21.80 -2.09 24.70
C THR A 164 22.80 -0.97 24.93
N ARG A 165 23.58 -1.06 26.00
N ARG A 165 23.59 -1.06 26.00
CA ARG A 165 24.55 0.00 26.27
CA ARG A 165 24.55 0.01 26.27
C ARG A 165 25.59 0.06 25.17
C ARG A 165 25.59 0.07 25.18
N GLU A 166 26.12 -1.10 24.77
CA GLU A 166 27.07 -1.16 23.67
C GLU A 166 26.50 -0.51 22.42
N THR A 167 25.22 -0.79 22.12
CA THR A 167 24.61 -0.24 20.94
C THR A 167 24.42 1.27 21.05
N ILE A 168 23.99 1.76 22.22
CA ILE A 168 23.82 3.20 22.40
C ILE A 168 25.12 3.93 22.06
N PHE A 169 26.22 3.50 22.64
CA PHE A 169 27.44 4.29 22.47
C PHE A 169 28.14 3.99 21.15
N ALA A 170 27.94 2.80 20.57
CA ALA A 170 28.46 2.57 19.22
C ALA A 170 27.73 3.41 18.18
N THR A 171 26.40 3.51 18.31
CA THR A 171 25.61 4.36 17.42
C THR A 171 26.02 5.83 17.59
N ILE A 172 26.21 6.27 18.82
CA ILE A 172 26.65 7.64 19.05
C ILE A 172 28.02 7.88 18.43
N ASP A 173 28.92 6.88 18.50
N ASP A 173 28.92 6.89 18.44
CA ASP A 173 30.22 6.99 17.82
CA ASP A 173 30.21 7.17 17.81
C ASP A 173 30.04 7.26 16.33
C ASP A 173 30.09 7.24 16.28
N VAL A 174 29.16 6.50 15.69
CA VAL A 174 28.94 6.63 14.25
C VAL A 174 28.38 8.01 13.93
N ILE A 175 27.37 8.44 14.69
CA ILE A 175 26.78 9.77 14.51
C ILE A 175 27.84 10.85 14.70
N TYR A 176 28.71 10.67 15.70
CA TYR A 176 29.78 11.65 15.90
C TYR A 176 30.73 11.67 14.71
N LYS A 177 31.10 10.50 14.19
CA LYS A 177 32.00 10.44 13.05
C LYS A 177 31.42 11.13 11.83
N ASP A 178 30.09 11.08 11.66
CA ASP A 178 29.45 11.66 10.49
C ASP A 178 28.97 13.10 10.73
N PHE A 179 29.16 13.66 11.91
CA PHE A 179 28.51 14.90 12.29
C PHE A 179 29.16 16.08 11.55
N ASN A 180 28.33 17.04 11.16
CA ASN A 180 28.80 18.25 10.47
C ASN A 180 28.80 19.38 11.50
N PHE A 181 29.97 19.77 11.98
CA PHE A 181 30.00 20.83 12.98
C PHE A 181 30.11 22.22 12.35
N LYS A 182 30.42 22.32 11.06
CA LYS A 182 30.57 23.62 10.41
C LYS A 182 29.18 24.26 10.25
N GLN A 183 28.96 25.37 10.95
CA GLN A 183 27.61 25.92 11.08
C GLN A 183 27.29 26.91 9.96
N THR A 184 27.20 26.38 8.73
CA THR A 184 26.81 27.24 7.62
C THR A 184 25.30 27.37 7.55
N ARG A 185 24.83 28.48 6.96
CA ARG A 185 23.42 28.82 6.91
C ARG A 185 22.96 29.04 5.47
N GLY A 186 21.83 28.43 5.12
CA GLY A 186 21.09 28.80 3.93
C GLY A 186 19.98 29.77 4.28
N GLU A 187 19.07 29.95 3.33
CA GLU A 187 17.96 30.88 3.53
C GLU A 187 16.78 30.46 2.67
N LYS A 188 15.58 30.56 3.23
CA LYS A 188 14.36 30.32 2.48
C LYS A 188 13.33 31.35 2.90
N GLU A 189 12.87 32.17 1.95
CA GLU A 189 11.90 33.25 2.20
C GLU A 189 12.35 34.09 3.39
N GLY A 190 13.65 34.36 3.45
CA GLY A 190 14.24 35.20 4.47
C GLY A 190 14.62 34.47 5.73
N VAL A 191 14.23 33.21 5.88
CA VAL A 191 14.47 32.42 7.09
C VAL A 191 15.80 31.69 7.00
N ALA A 192 16.60 31.77 8.06
CA ALA A 192 17.89 31.08 8.12
C ALA A 192 17.72 29.56 8.22
N VAL A 193 18.55 28.84 7.49
CA VAL A 193 18.50 27.39 7.45
C VAL A 193 19.81 26.84 8.03
N PRO A 194 19.77 26.12 9.16
CA PRO A 194 21.01 25.51 9.69
C PRO A 194 21.40 24.26 8.93
N GLU A 195 22.37 24.40 8.02
CA GLU A 195 22.71 23.30 7.12
C GLU A 195 23.35 22.12 7.85
N TRP A 196 23.77 22.29 9.09
CA TRP A 196 24.42 21.21 9.83
C TRP A 196 23.46 20.31 10.59
N LEU A 197 22.17 20.65 10.68
CA LEU A 197 21.25 19.69 11.27
C LEU A 197 20.97 18.56 10.29
N PRO A 198 20.70 17.34 10.81
CA PRO A 198 20.19 16.27 9.94
C PRO A 198 18.98 16.70 9.13
N HIS A 199 19.08 16.62 7.80
CA HIS A 199 17.98 17.00 6.90
C HIS A 199 17.50 18.44 7.15
N THR A 200 18.38 19.29 7.69
CA THR A 200 18.04 20.63 8.19
C THR A 200 16.72 20.64 8.96
N ALA A 201 16.47 19.59 9.74
CA ALA A 201 15.16 19.37 10.34
C ALA A 201 15.25 19.60 11.84
N GLY A 202 14.56 20.64 12.33
CA GLY A 202 14.53 20.89 13.75
C GLY A 202 13.82 19.80 14.53
N ASP A 203 12.80 19.17 13.92
CA ASP A 203 12.07 18.11 14.63
C ASP A 203 12.94 16.85 14.80
N GLN A 204 13.61 16.40 13.74
CA GLN A 204 14.54 15.28 13.89
C GLN A 204 15.66 15.62 14.86
N ALA A 205 16.19 16.84 14.76
CA ALA A 205 17.25 17.27 15.66
C ALA A 205 16.80 17.16 17.12
N SER A 206 15.52 17.46 17.40
CA SER A 206 15.07 17.45 18.79
C SER A 206 15.11 16.04 19.38
N VAL A 207 14.75 15.02 18.59
CA VAL A 207 14.76 13.67 19.13
C VAL A 207 16.19 13.15 19.30
N LEU A 208 17.07 13.45 18.34
CA LEU A 208 18.48 13.11 18.55
C LEU A 208 19.01 13.84 19.78
N LEU A 209 18.58 15.09 19.99
CA LEU A 209 19.06 15.83 21.16
C LEU A 209 18.60 15.18 22.47
N ALA A 211 17.88 12.04 22.91
CA ALA A 211 18.62 10.77 23.07
C ALA A 211 20.03 11.03 23.60
N LEU A 212 20.71 12.02 23.02
CA LEU A 212 22.06 12.35 23.48
C LEU A 212 22.05 12.84 24.92
N SER A 213 21.03 13.61 25.31
CA SER A 213 20.93 14.07 26.69
C SER A 213 20.82 12.88 27.65
N ASP A 214 19.98 11.89 27.31
CA ASP A 214 19.89 10.69 28.12
C ASP A 214 21.21 9.97 28.19
N ALA A 215 21.87 9.83 27.03
CA ALA A 215 23.13 9.09 27.01
C ALA A 215 24.18 9.81 27.83
N GLN A 216 24.13 11.14 27.87
CA GLN A 216 25.14 11.89 28.63
C GLN A 216 25.03 11.59 30.11
N ALA A 217 23.82 11.26 30.59
CA ALA A 217 23.65 10.87 31.98
C ALA A 217 24.17 9.46 32.24
N LEU A 218 24.16 8.60 31.22
CA LEU A 218 24.71 7.26 31.37
C LEU A 218 26.23 7.26 31.37
N GLU A 219 26.86 8.02 30.47
CA GLU A 219 28.31 8.15 30.44
C GLU A 219 28.62 9.48 29.78
N ALA A 220 29.10 10.45 30.56
CA ALA A 220 29.35 11.76 30.00
C ALA A 220 30.57 11.71 29.10
N LYS A 221 30.44 12.29 27.91
CA LYS A 221 31.52 12.32 26.96
C LYS A 221 31.55 13.72 26.37
N PRO A 222 32.73 14.32 26.24
CA PRO A 222 32.79 15.67 25.66
C PRO A 222 32.16 15.77 24.29
N GLU A 223 32.29 14.73 23.45
CA GLU A 223 31.73 14.82 22.11
C GLU A 223 30.22 14.76 22.13
N ILE A 224 29.63 14.14 23.15
CA ILE A 224 28.17 14.16 23.27
C ILE A 224 27.69 15.56 23.62
N GLU A 225 28.34 16.21 24.59
CA GLU A 225 27.96 17.58 24.90
C GLU A 225 28.15 18.49 23.69
N LYS A 226 29.22 18.26 22.94
CA LYS A 226 29.49 19.10 21.76
C LYS A 226 28.37 18.94 20.74
N ARG A 229 25.17 20.66 21.99
CA ARG A 229 25.18 22.11 21.84
C ARG A 229 25.02 22.51 20.38
N SER A 230 25.56 21.71 19.46
CA SER A 230 25.43 22.04 18.05
C SER A 230 23.99 21.87 17.58
N LEU A 231 23.34 20.79 18.03
CA LEU A 231 21.94 20.57 17.68
C LEU A 231 21.06 21.66 18.27
N ALA A 232 21.30 22.03 19.52
CA ALA A 232 20.49 23.06 20.13
C ALA A 232 20.69 24.41 19.43
N ALA A 233 21.92 24.72 19.01
CA ALA A 233 22.16 25.95 18.25
C ALA A 233 21.34 25.97 16.96
N GLY A 234 21.30 24.84 16.25
CA GLY A 234 20.51 24.80 15.01
C GLY A 234 19.03 24.93 15.27
N ILE A 235 18.53 24.20 16.27
CA ILE A 235 17.13 24.28 16.67
C ILE A 235 16.76 25.70 17.05
N LEU A 237 18.24 28.50 16.14
CA LEU A 237 18.30 29.41 15.00
C LEU A 237 17.01 29.37 14.22
N GLN A 239 14.01 29.23 15.50
CA GLN A 239 12.88 29.73 16.27
C GLN A 239 12.46 31.11 15.78
N VAL A 240 11.15 31.32 15.66
CA VAL A 240 10.63 32.64 15.33
C VAL A 240 10.78 33.55 16.55
N LYS A 241 11.49 34.66 16.39
CA LYS A 241 11.72 35.64 17.46
C LYS A 241 11.29 37.01 16.96
N ASP A 242 9.99 37.23 16.85
CA ASP A 242 9.42 38.49 16.36
C ASP A 242 8.16 38.74 17.17
N THR A 243 8.23 39.68 18.12
CA THR A 243 7.09 39.87 19.01
C THR A 243 5.87 40.43 18.32
N SER A 244 6.02 40.96 17.10
CA SER A 244 4.89 41.39 16.28
C SER A 244 4.24 40.23 15.52
N SER A 245 4.84 39.05 15.51
CA SER A 245 4.31 37.99 14.66
C SER A 245 3.30 37.12 15.41
N PRO A 246 2.23 36.72 14.73
CA PRO A 246 1.28 35.77 15.34
C PRO A 246 1.96 34.51 15.87
N VAL A 247 3.01 34.03 15.22
CA VAL A 247 3.62 32.76 15.59
C VAL A 247 4.97 33.00 16.27
N ASN A 248 5.10 34.13 16.93
CA ASN A 248 6.24 34.39 17.80
C ASN A 248 6.49 33.21 18.74
N GLY A 249 7.74 32.79 18.84
CA GLY A 249 8.14 31.67 19.68
C GLY A 249 8.13 30.31 19.00
N ALA A 250 7.49 30.17 17.83
CA ALA A 250 7.42 28.83 17.23
C ALA A 250 8.81 28.34 16.83
N PHE A 251 9.09 27.05 17.09
CA PHE A 251 10.28 26.41 16.55
C PHE A 251 9.94 25.85 15.17
N LEU A 252 10.51 26.43 14.13
CA LEU A 252 10.24 25.91 12.80
C LEU A 252 10.79 24.48 12.68
N SER A 253 10.19 23.72 11.76
CA SER A 253 10.49 22.30 11.58
C SER A 253 11.54 22.06 10.50
N TRP A 254 11.43 22.79 9.39
CA TRP A 254 12.24 22.54 8.20
C TRP A 254 12.16 23.77 7.32
N GLN A 255 13.31 24.41 7.05
CA GLN A 255 13.34 25.65 6.27
C GLN A 255 12.37 26.67 6.86
N ASN A 256 11.42 27.17 6.06
CA ASN A 256 10.46 28.15 6.53
C ASN A 256 9.13 27.49 6.91
N LEU A 257 9.15 26.21 7.23
CA LEU A 257 7.94 25.45 7.49
C LEU A 257 7.89 24.99 8.93
N TRP A 258 6.72 25.11 9.53
CA TRP A 258 6.40 24.47 10.81
C TRP A 258 5.36 23.40 10.58
N HIS A 259 5.54 22.23 11.20
CA HIS A 259 4.45 21.29 11.32
C HIS A 259 4.37 20.83 12.76
N GLY A 260 3.13 20.58 13.19
CA GLY A 260 2.94 20.17 14.57
C GLY A 260 3.50 18.79 14.86
N TYR A 261 3.33 17.85 13.94
CA TYR A 261 3.70 16.48 14.27
C TYR A 261 5.19 16.37 14.62
N GLY A 262 5.50 15.61 15.67
CA GLY A 262 6.89 15.35 16.04
C GLY A 262 7.74 16.54 16.40
N ASN A 263 7.14 17.71 16.64
CA ASN A 263 7.93 18.94 16.79
C ASN A 263 8.31 19.13 18.26
N SER A 264 9.26 18.31 18.70
CA SER A 264 9.61 18.22 20.12
C SER A 264 10.74 19.15 20.53
N GLN A 265 11.04 20.17 19.71
CA GLN A 265 12.12 21.11 20.03
C GLN A 265 12.04 21.67 21.45
N ALA A 266 10.86 22.16 21.85
CA ALA A 266 10.76 22.79 23.17
C ALA A 266 11.05 21.80 24.29
N TYR A 267 10.40 20.62 24.22
CA TYR A 267 10.68 19.57 25.18
C TYR A 267 12.16 19.21 25.20
N ALA A 268 12.76 19.01 24.03
CA ALA A 268 14.18 18.62 23.97
C ALA A 268 15.08 19.68 24.58
N LEU A 269 14.78 20.97 24.35
CA LEU A 269 15.60 22.02 24.92
C LEU A 269 15.46 22.06 26.44
N LEU A 270 14.27 21.72 26.96
CA LEU A 270 14.13 21.67 28.41
C LEU A 270 14.94 20.51 28.99
N VAL A 271 14.87 19.35 28.33
CA VAL A 271 15.66 18.18 28.77
C VAL A 271 17.15 18.46 28.68
N ALA A 272 17.62 18.92 27.53
CA ALA A 272 19.05 19.20 27.36
C ALA A 272 19.50 20.37 28.23
N GLY A 273 18.67 21.42 28.33
CA GLY A 273 19.03 22.56 29.16
C GLY A 273 19.21 22.16 30.60
N ASN A 274 18.34 21.29 31.10
CA ASN A 274 18.49 20.77 32.45
C ASN A 274 19.75 19.92 32.58
N ARG A 275 20.01 19.07 31.59
CA ARG A 275 21.18 18.18 31.63
C ARG A 275 22.48 18.99 31.69
N LEU A 276 22.57 20.04 30.90
CA LEU A 276 23.78 20.85 30.79
C LEU A 276 23.78 22.08 31.69
N GLY A 277 22.68 22.38 32.37
CA GLY A 277 22.58 23.63 33.11
C GLY A 277 22.65 24.86 32.23
N ASP A 278 21.95 24.83 31.09
CA ASP A 278 22.04 25.88 30.08
C ASP A 278 20.77 26.72 30.11
N ARG A 279 20.86 27.91 30.72
CA ARG A 279 19.68 28.75 30.87
C ARG A 279 19.16 29.25 29.52
N ASP A 280 20.03 29.42 28.53
CA ASP A 280 19.59 29.92 27.23
C ASP A 280 18.66 28.93 26.55
N ILE A 282 16.77 26.75 28.05
CA ILE A 282 15.51 26.77 28.80
C ILE A 282 14.70 28.00 28.40
N LYS A 283 15.35 29.15 28.31
CA LYS A 283 14.64 30.38 27.95
C LYS A 283 14.00 30.26 26.57
N ALA A 284 14.71 29.65 25.62
CA ALA A 284 14.14 29.51 24.28
C ALA A 284 12.90 28.61 24.31
N ALA A 285 12.95 27.52 25.07
CA ALA A 285 11.80 26.63 25.15
C ALA A 285 10.58 27.34 25.74
N PHE A 286 10.78 28.08 26.83
CA PHE A 286 9.67 28.80 27.43
C PHE A 286 9.10 29.85 26.50
N ASN A 287 9.92 30.42 25.62
N ASN A 287 9.91 30.42 25.61
CA ASN A 287 9.39 31.42 24.68
CA ASN A 287 9.40 31.40 24.67
C ASN A 287 8.34 30.78 23.77
C ASN A 287 8.38 30.79 23.72
N GLU A 288 8.54 29.53 23.36
CA GLU A 288 7.50 28.85 22.57
C GLU A 288 6.27 28.60 23.42
N LEU A 289 6.48 28.06 24.63
CA LEU A 289 5.35 27.72 25.48
C LEU A 289 4.53 28.93 25.86
N ASP A 290 5.20 30.08 26.10
CA ASP A 290 4.48 31.23 26.62
C ASP A 290 3.77 32.07 25.56
N HIS A 291 4.11 31.89 24.29
CA HIS A 291 3.51 32.69 23.25
C HIS A 291 2.84 31.87 22.17
N PHE A 292 3.57 30.94 21.58
CA PHE A 292 3.05 30.18 20.45
C PHE A 292 1.99 29.17 20.91
N HIS A 293 2.21 28.49 22.03
CA HIS A 293 1.21 27.51 22.45
C HIS A 293 -0.14 28.16 22.74
N PRO A 294 -0.23 29.26 23.50
CA PRO A 294 -1.56 29.87 23.70
C PRO A 294 -2.18 30.34 22.40
N TRP A 295 -1.37 30.76 21.43
CA TRP A 295 -1.90 31.15 20.13
C TRP A 295 -2.52 29.96 19.41
N LEU A 296 -1.79 28.86 19.34
CA LEU A 296 -2.33 27.64 18.73
C LEU A 296 -3.61 27.24 19.41
N ILE A 297 -3.59 27.18 20.74
CA ILE A 297 -4.75 26.71 21.48
C ILE A 297 -5.95 27.59 21.17
N SER A 298 -5.76 28.92 21.18
CA SER A 298 -6.82 29.87 20.84
C SER A 298 -7.35 29.70 19.43
N ASN A 299 -6.58 29.12 18.52
CA ASN A 299 -7.02 28.99 17.12
C ASN A 299 -7.31 27.55 16.71
N GLY A 300 -7.42 26.64 17.67
CA GLY A 300 -7.91 25.32 17.34
C GLY A 300 -6.87 24.41 16.74
N LEU A 301 -5.58 24.74 16.91
CA LEU A 301 -4.45 23.98 16.41
C LEU A 301 -4.32 24.06 14.89
N LEU A 302 -3.14 23.73 14.39
CA LEU A 302 -2.88 23.72 12.96
C LEU A 302 -2.09 22.47 12.64
N ASN A 303 -2.15 22.08 11.38
CA ASN A 303 -1.27 21.02 10.88
C ASN A 303 0.09 21.61 10.50
N GLU A 304 0.12 22.60 9.64
CA GLU A 304 1.40 23.18 9.26
C GLU A 304 1.20 24.63 8.83
N PHE A 305 2.32 25.36 8.76
CA PHE A 305 2.29 26.68 8.15
C PHE A 305 3.67 27.02 7.62
N THR A 306 3.73 28.05 6.77
CA THR A 306 4.98 28.56 6.25
C THR A 306 5.04 30.05 6.50
N VAL A 307 6.27 30.57 6.64
CA VAL A 307 6.47 31.98 6.95
C VAL A 307 7.46 32.60 5.97
N ARG A 308 7.42 33.94 5.91
CA ARG A 308 8.39 34.79 5.22
C ARG A 308 9.00 35.70 6.26
N GLN A 309 10.31 35.93 6.14
CA GLN A 309 11.01 36.85 7.03
C GLN A 309 11.61 38.01 6.23
N GLN A 310 11.26 39.23 6.63
CA GLN A 310 11.73 40.45 5.99
C GLN A 310 12.36 41.30 7.08
N GLY A 311 13.69 41.32 7.10
CA GLY A 311 14.38 41.96 8.20
C GLY A 311 14.16 41.12 9.44
N GLU A 312 13.55 41.72 10.46
CA GLU A 312 13.15 41.01 11.66
C GLU A 312 11.68 40.59 11.64
N LYS A 313 10.92 41.00 10.63
CA LYS A 313 9.48 40.79 10.61
C LYS A 313 9.16 39.43 9.98
N VAL A 314 8.41 38.61 10.70
CA VAL A 314 8.06 37.27 10.24
C VAL A 314 6.55 37.22 10.03
N THR A 315 6.14 36.88 8.80
CA THR A 315 4.73 36.86 8.46
C THR A 315 4.32 35.51 7.88
N LEU A 316 3.08 35.13 8.18
CA LEU A 316 2.54 33.87 7.67
C LEU A 316 2.31 33.94 6.16
N ILE A 317 2.76 32.91 5.45
CA ILE A 317 2.48 32.80 4.02
C ILE A 317 1.23 31.95 3.80
N GLU A 318 1.22 30.74 4.34
N GLU A 318 1.22 30.75 4.36
CA GLU A 318 0.07 29.87 4.20
CA GLU A 318 0.11 29.82 4.20
C GLU A 318 -0.05 29.06 5.48
C GLU A 318 -0.03 29.02 5.47
N GLN A 319 -1.26 28.60 5.77
CA GLN A 319 -1.47 27.68 6.89
C GLN A 319 -2.48 26.62 6.50
N LYS A 320 -2.33 25.45 7.11
CA LYS A 320 -3.21 24.31 6.89
C LYS A 320 -3.70 23.85 8.24
N LYS A 321 -5.01 23.86 8.42
CA LYS A 321 -5.59 23.42 9.68
C LYS A 321 -5.63 21.90 9.77
N PHE A 322 -5.71 21.21 8.62
CA PHE A 322 -5.84 19.76 8.56
C PHE A 322 -4.70 19.15 7.74
N SER A 323 -4.40 17.85 7.93
CA SER A 323 -4.99 16.98 8.94
C SER A 323 -4.34 17.18 10.31
N GLN A 324 -5.12 16.94 11.35
CA GLN A 324 -4.66 16.95 12.74
C GLN A 324 -4.56 15.51 13.25
N ILE A 325 -3.45 15.18 13.88
CA ILE A 325 -3.19 13.80 14.31
C ILE A 325 -2.68 13.86 15.75
N ALA A 326 -2.77 12.71 16.41
CA ALA A 326 -2.33 12.60 17.81
C ALA A 326 -0.89 13.05 18.00
N TYR A 327 -0.03 12.80 17.03
CA TYR A 327 1.38 13.16 17.12
C TYR A 327 1.62 14.68 17.16
N ILE A 328 0.60 15.52 16.91
CA ILE A 328 0.72 16.95 17.17
C ILE A 328 0.65 17.22 18.67
N ILE A 329 -0.23 16.49 19.37
CA ILE A 329 -0.55 16.78 20.78
C ILE A 329 0.60 16.38 21.68
N ARG A 330 1.16 15.19 21.45
CA ARG A 330 2.10 14.64 22.42
C ARG A 330 3.31 15.55 22.66
N PRO A 331 4.00 16.05 21.65
CA PRO A 331 5.16 16.92 21.92
C PRO A 331 4.79 18.14 22.74
N VAL A 333 2.19 18.43 24.90
CA VAL A 333 1.88 18.02 26.27
C VAL A 333 3.16 17.70 27.03
N PHE A 334 4.09 16.97 26.38
CA PHE A 334 5.39 16.69 27.00
C PHE A 334 6.09 17.97 27.44
N ALA A 335 6.14 18.96 26.54
CA ALA A 335 6.84 20.20 26.85
C ALA A 335 6.16 20.95 27.99
N ASN A 336 4.82 20.98 27.99
CA ASN A 336 4.14 21.77 29.02
C ASN A 336 4.25 21.11 30.39
N ILE A 337 4.16 19.79 30.44
CA ILE A 337 4.35 19.09 31.72
C ILE A 337 5.77 19.34 32.25
N LYS A 338 6.77 19.26 31.36
CA LYS A 338 8.16 19.51 31.76
C LYS A 338 8.34 20.95 32.26
N ALA A 339 7.69 21.88 31.58
CA ALA A 339 7.73 23.28 32.00
C ALA A 339 7.14 23.45 33.38
N TRP A 340 6.04 22.75 33.66
CA TRP A 340 5.48 22.81 35.00
C TRP A 340 6.44 22.24 36.03
N GLU A 341 7.07 21.10 35.71
CA GLU A 341 8.00 20.49 36.64
C GLU A 341 9.15 21.43 36.97
N ILE A 342 9.59 22.21 35.98
CA ILE A 342 10.70 23.14 36.21
C ILE A 342 10.23 24.37 36.98
N SER A 343 9.12 24.98 36.53
CA SER A 343 8.75 26.32 36.96
C SER A 343 7.73 26.33 38.08
N ARG A 344 7.00 25.23 38.29
N ARG A 344 7.03 25.23 38.33
CA ARG A 344 5.91 25.12 39.26
CA ARG A 344 5.93 25.20 39.28
C ARG A 344 4.70 26.02 38.90
C ARG A 344 4.89 26.27 38.96
N ASP A 345 4.65 26.54 37.67
CA ASP A 345 3.59 27.45 37.27
C ASP A 345 2.42 26.61 36.77
N ALA A 346 1.26 26.72 37.42
CA ALA A 346 0.16 25.81 37.08
C ALA A 346 -0.42 26.09 35.70
N VAL A 347 -0.13 27.23 35.08
CA VAL A 347 -0.65 27.49 33.74
C VAL A 347 -0.22 26.40 32.78
N TYR A 348 0.98 25.86 32.96
CA TYR A 348 1.43 24.83 32.03
C TYR A 348 0.68 23.52 32.23
N LEU A 349 0.28 23.18 33.47
CA LEU A 349 -0.57 22.00 33.64
C LEU A 349 -1.93 22.24 33.00
N GLU A 350 -2.49 23.45 33.20
CA GLU A 350 -3.76 23.79 32.58
C GLU A 350 -3.69 23.65 31.07
N ARG A 351 -2.60 24.13 30.46
CA ARG A 351 -2.45 24.00 29.01
C ARG A 351 -2.27 22.55 28.59
N ALA A 352 -1.46 21.79 29.32
CA ALA A 352 -1.30 20.37 28.99
C ALA A 352 -2.64 19.65 29.00
N VAL A 353 -3.49 19.94 29.98
CA VAL A 353 -4.80 19.29 30.04
C VAL A 353 -5.69 19.78 28.91
N ASP A 354 -5.66 21.08 28.63
N ASP A 354 -5.69 21.09 28.66
CA ASP A 354 -6.48 21.63 27.54
CA ASP A 354 -6.47 21.64 27.54
C ASP A 354 -6.08 21.03 26.20
C ASP A 354 -6.07 20.97 26.22
N LEU A 355 -4.77 20.80 25.99
CA LEU A 355 -4.31 20.12 24.78
C LEU A 355 -4.77 18.66 24.76
N SER A 356 -4.72 17.99 25.89
CA SER A 356 -5.17 16.59 25.98
C SER A 356 -6.63 16.46 25.57
N LEU A 357 -7.42 17.52 25.76
CA LEU A 357 -8.83 17.45 25.41
C LEU A 357 -9.06 17.35 23.90
N TRP A 358 -8.04 17.55 23.08
CA TRP A 358 -8.18 17.25 21.65
C TRP A 358 -8.69 15.82 21.45
N PHE A 359 -8.23 14.89 22.30
CA PHE A 359 -8.70 13.51 22.23
C PHE A 359 -10.16 13.34 22.66
N PHE A 360 -10.74 14.35 23.29
CA PHE A 360 -12.05 14.26 23.91
C PHE A 360 -12.95 15.39 23.42
N LYS A 361 -12.89 15.67 22.12
CA LYS A 361 -13.83 16.45 21.29
C LYS A 361 -13.47 17.92 21.20
N ASN A 362 -12.41 18.38 21.88
CA ASN A 362 -11.93 19.75 21.70
C ASN A 362 -11.07 19.82 20.43
N ASN A 363 -11.75 19.74 19.29
CA ASN A 363 -11.08 19.76 18.00
C ASN A 363 -12.08 20.20 16.94
N PRO A 364 -11.63 20.46 15.70
CA PRO A 364 -12.54 21.03 14.70
C PRO A 364 -13.68 20.14 14.28
N ALA A 365 -13.61 18.83 14.53
CA ALA A 365 -14.67 17.90 14.19
C ALA A 365 -15.57 17.56 15.37
N GLN A 366 -15.29 18.14 16.54
CA GLN A 366 -15.96 17.82 17.80
C GLN A 366 -16.00 16.30 18.02
N ALA A 367 -14.89 15.64 17.73
CA ALA A 367 -14.84 14.19 17.62
C ALA A 367 -14.05 13.60 18.77
N GLN A 368 -14.53 12.49 19.34
CA GLN A 368 -13.71 11.77 20.30
C GLN A 368 -12.65 10.99 19.51
N TYR A 370 -9.85 9.34 21.15
CA TYR A 370 -9.32 8.24 21.95
C TYR A 370 -10.43 7.69 22.82
N TYR A 371 -10.51 6.37 22.89
CA TYR A 371 -11.61 5.67 23.55
C TYR A 371 -11.09 4.83 24.72
N PRO A 372 -11.22 5.29 25.97
CA PRO A 372 -10.65 4.53 27.09
C PRO A 372 -11.21 3.11 27.22
N VAL A 373 -12.43 2.87 26.75
CA VAL A 373 -13.01 1.54 26.95
C VAL A 373 -12.26 0.50 26.14
N THR A 374 -11.76 0.89 24.96
CA THR A 374 -11.13 -0.05 24.03
C THR A 374 -9.65 0.22 23.79
N GLY A 375 -9.15 1.40 24.16
CA GLY A 375 -7.80 1.77 23.77
C GLY A 375 -7.64 2.22 22.35
N ILE A 376 -8.73 2.35 21.58
CA ILE A 376 -8.64 2.77 20.18
C ILE A 376 -8.31 4.26 20.10
N ALA A 377 -7.40 4.62 19.21
CA ALA A 377 -7.05 6.01 18.93
C ALA A 377 -7.19 6.28 17.44
N PHE A 378 -8.09 7.19 17.07
CA PHE A 378 -8.31 7.44 15.65
C PHE A 378 -7.10 8.08 14.97
N ASP A 379 -6.96 7.80 13.67
CA ASP A 379 -5.77 8.19 12.93
C ASP A 379 -5.74 9.66 12.50
N GLY A 380 -6.83 10.40 12.56
CA GLY A 380 -6.70 11.82 12.25
C GLY A 380 -8.01 12.48 11.94
N ILE A 381 -7.96 13.81 11.93
CA ILE A 381 -9.08 14.66 11.54
C ILE A 381 -8.72 15.29 10.20
N ASP A 382 -9.45 14.93 9.15
CA ASP A 382 -9.12 15.44 7.82
C ASP A 382 -9.86 16.71 7.46
N SER A 383 -10.98 16.99 8.12
CA SER A 383 -11.67 18.26 7.96
C SER A 383 -12.63 18.40 9.13
N ALA A 384 -13.38 19.51 9.15
CA ALA A 384 -14.40 19.68 10.18
C ALA A 384 -15.44 18.56 10.17
N THR A 385 -15.62 17.86 9.05
CA THR A 385 -16.68 16.87 8.92
C THR A 385 -16.18 15.48 8.57
N THR A 386 -14.87 15.25 8.57
N THR A 386 -14.87 15.24 8.58
CA THR A 386 -14.32 13.97 8.15
CA THR A 386 -14.32 13.97 8.14
C THR A 386 -13.26 13.52 9.15
C THR A 386 -13.25 13.51 9.13
N VAL A 387 -13.50 12.38 9.78
CA VAL A 387 -12.58 11.80 10.76
C VAL A 387 -12.14 10.45 10.23
N ASN A 388 -10.85 10.17 10.33
CA ASN A 388 -10.29 8.88 9.92
C ASN A 388 -10.36 7.94 11.13
N LYS A 389 -11.29 6.99 11.09
CA LYS A 389 -11.51 6.09 12.23
C LYS A 389 -10.58 4.88 12.27
N ASN A 390 -9.64 4.78 11.35
CA ASN A 390 -8.65 3.73 11.52
C ASN A 390 -7.81 4.03 12.76
N SER A 391 -7.07 3.01 13.24
CA SER A 391 -6.31 3.19 14.48
C SER A 391 -4.95 2.48 14.34
N GLY A 392 -4.00 3.15 13.70
CA GLY A 392 -2.69 2.57 13.47
C GLY A 392 -1.80 2.66 14.71
N ALA A 393 -0.59 2.10 14.58
CA ALA A 393 0.33 2.07 15.71
C ALA A 393 0.71 3.48 16.15
N GLU A 394 1.07 4.36 15.21
CA GLU A 394 1.54 5.69 15.62
C GLU A 394 0.49 6.43 16.43
N SER A 395 -0.77 6.47 15.95
CA SER A 395 -1.74 7.29 16.65
C SER A 395 -2.07 6.69 18.02
N THR A 396 -2.16 5.36 18.09
CA THR A 396 -2.38 4.69 19.37
C THR A 396 -1.26 4.96 20.35
N ILE A 397 0.00 4.80 19.92
CA ILE A 397 1.13 5.05 20.82
C ILE A 397 1.18 6.51 21.28
N GLU A 398 0.94 7.44 20.35
CA GLU A 398 1.04 8.85 20.70
C GLU A 398 -0.07 9.27 21.66
N ALA A 399 -1.30 8.81 21.44
CA ALA A 399 -2.37 9.06 22.41
C ALA A 399 -2.04 8.46 23.78
N LEU A 400 -1.57 7.21 23.79
CA LEU A 400 -1.24 6.54 25.05
C LEU A 400 -0.11 7.26 25.78
N LEU A 401 0.94 7.66 25.07
CA LEU A 401 2.06 8.33 25.73
C LEU A 401 1.60 9.64 26.34
N THR A 402 0.71 10.35 25.63
CA THR A 402 0.19 11.62 26.14
C THR A 402 -0.61 11.41 27.41
N LEU A 403 -1.58 10.48 27.36
CA LEU A 403 -2.44 10.30 28.52
C LEU A 403 -1.70 9.63 29.66
N GLN A 404 -0.74 8.75 29.34
CA GLN A 404 0.12 8.16 30.37
C GLN A 404 0.86 9.24 31.16
N LEU A 405 1.38 10.24 30.47
CA LEU A 405 2.09 11.30 31.19
C LEU A 405 1.13 12.08 32.10
N ILE A 406 -0.04 12.48 31.58
CA ILE A 406 -1.01 13.19 32.39
C ILE A 406 -1.38 12.38 33.62
N GLU A 407 -1.68 11.10 33.44
N GLU A 407 -1.68 11.10 33.44
CA GLU A 407 -2.14 10.32 34.57
CA GLU A 407 -2.12 10.27 34.56
C GLU A 407 -1.04 10.11 35.62
C GLU A 407 -1.03 10.16 35.63
N SER A 408 0.24 10.31 35.25
CA SER A 408 1.32 10.17 36.20
C SER A 408 1.52 11.41 37.10
N ILE A 409 0.92 12.54 36.75
CA ILE A 409 1.04 13.80 37.50
C ILE A 409 -0.26 14.00 38.24
N PRO A 410 -0.32 13.81 39.57
CA PRO A 410 -1.62 13.85 40.26
C PRO A 410 -2.46 15.08 39.99
N ASP A 411 -1.88 16.29 40.00
CA ASP A 411 -2.68 17.48 39.73
C ASP A 411 -3.24 17.49 38.30
N ALA A 412 -2.46 17.01 37.32
CA ALA A 412 -2.94 16.98 35.94
C ALA A 412 -4.03 15.93 35.77
N LYS A 413 -3.83 14.75 36.36
CA LYS A 413 -4.84 13.70 36.35
C LYS A 413 -6.17 14.21 36.89
N ARG A 414 -6.14 14.87 38.06
CA ARG A 414 -7.34 15.39 38.70
C ARG A 414 -8.04 16.41 37.79
N LEU A 416 -7.84 16.71 34.41
CA LEU A 416 -8.42 16.09 33.23
C LEU A 416 -9.68 15.32 33.59
N GLU A 417 -9.67 14.58 34.70
CA GLU A 417 -10.88 13.88 35.13
C GLU A 417 -12.03 14.84 35.34
N SER A 418 -11.74 16.00 35.94
CA SER A 418 -12.78 17.00 36.17
C SER A 418 -13.34 17.53 34.85
N ALA A 419 -12.46 17.78 33.89
CA ALA A 419 -12.95 18.23 32.58
C ALA A 419 -13.79 17.16 31.91
N LEU A 420 -13.42 15.89 32.09
CA LEU A 420 -14.15 14.83 31.37
C LEU A 420 -15.50 14.55 32.00
N GLU A 421 -15.67 14.77 33.31
N GLU A 421 -15.64 14.77 33.32
CA GLU A 421 -16.96 14.49 33.93
CA GLU A 421 -16.93 14.53 33.98
C GLU A 421 -18.05 15.41 33.41
C GLU A 421 -18.03 15.40 33.41
N LYS A 422 -17.67 16.53 32.81
CA LYS A 422 -18.61 17.54 32.38
C LYS A 422 -19.00 17.45 30.91
N ARG A 423 -18.49 16.47 30.15
CA ARG A 423 -18.72 16.47 28.72
C ARG A 423 -19.18 15.09 28.24
N ASN A 424 -19.72 15.05 27.02
CA ASN A 424 -20.40 13.84 26.53
C ASN A 424 -19.44 12.94 25.75
N ILE A 425 -18.43 12.42 26.44
CA ILE A 425 -17.52 11.45 25.86
C ILE A 425 -17.89 10.06 26.36
N LYS A 426 -17.37 9.04 25.68
CA LYS A 426 -17.56 7.64 26.07
C LYS A 426 -16.34 7.18 26.85
N GLN A 427 -16.54 6.78 28.10
CA GLN A 427 -15.40 6.25 28.86
C GLN A 427 -15.79 5.15 29.83
N ALA B 23 4.78 -34.80 -17.45
CA ALA B 23 5.01 -34.33 -16.09
C ALA B 23 4.54 -32.88 -15.91
N LYS B 24 4.85 -32.00 -16.87
CA LYS B 24 4.46 -30.61 -16.72
C LYS B 24 2.96 -30.44 -16.88
N LEU B 25 2.42 -29.41 -16.25
CA LEU B 25 0.98 -29.18 -16.28
C LEU B 25 0.55 -28.51 -17.58
N VAL B 26 1.32 -27.52 -18.05
CA VAL B 26 0.93 -26.76 -19.24
C VAL B 26 1.10 -27.64 -20.47
N ASN B 27 0.04 -27.80 -21.23
CA ASN B 27 0.05 -28.66 -22.42
C ASN B 27 -0.73 -27.91 -23.48
N ALA B 28 -0.04 -27.41 -24.51
CA ALA B 28 -0.72 -26.62 -25.53
C ALA B 28 -1.37 -27.48 -26.62
N GLU B 29 -1.47 -28.82 -26.44
CA GLU B 29 -1.87 -29.67 -27.56
C GLU B 29 -3.28 -29.38 -28.04
N HIS B 30 -4.21 -29.10 -27.12
CA HIS B 30 -5.56 -28.79 -27.59
C HIS B 30 -5.61 -27.42 -28.25
N LEU B 31 -4.92 -26.43 -27.67
CA LEU B 31 -4.89 -25.12 -28.34
C LEU B 31 -4.23 -25.25 -29.72
N ASP B 32 -3.17 -26.07 -29.81
CA ASP B 32 -2.54 -26.35 -31.11
C ASP B 32 -3.56 -26.93 -32.09
N ALA B 33 -4.45 -27.79 -31.60
CA ALA B 33 -5.45 -28.41 -32.47
C ALA B 33 -6.49 -27.41 -32.95
N LEU B 34 -6.73 -26.35 -32.19
CA LEU B 34 -7.63 -25.27 -32.61
C LEU B 34 -6.93 -24.31 -33.56
N TYR B 35 -5.60 -24.31 -33.60
CA TYR B 35 -4.86 -23.40 -34.47
C TYR B 35 -4.91 -23.88 -35.92
N GLN B 36 -5.07 -22.94 -36.85
CA GLN B 36 -5.08 -23.25 -38.27
C GLN B 36 -4.40 -22.08 -38.98
N LYS B 37 -3.41 -22.38 -39.81
CA LYS B 37 -2.82 -21.38 -40.68
C LYS B 37 -3.55 -21.38 -42.02
N VAL B 38 -4.02 -20.21 -42.45
CA VAL B 38 -4.79 -20.11 -43.69
C VAL B 38 -4.16 -19.06 -44.59
N THR B 39 -4.26 -19.26 -45.90
CA THR B 39 -3.78 -18.31 -46.87
C THR B 39 -4.99 -17.63 -47.49
N VAL B 40 -5.10 -16.31 -47.33
CA VAL B 40 -6.28 -15.59 -47.78
C VAL B 40 -6.07 -15.05 -49.20
N ALA B 41 -7.07 -14.32 -49.71
CA ALA B 41 -7.11 -13.96 -51.13
C ALA B 41 -5.82 -13.28 -51.58
N ASN B 42 -5.35 -12.29 -50.82
CA ASN B 42 -4.18 -11.53 -51.22
C ASN B 42 -2.86 -12.27 -50.96
N LYS B 43 -2.93 -13.57 -50.63
CA LYS B 43 -1.81 -14.49 -50.40
C LYS B 43 -1.12 -14.27 -49.07
N THR B 44 -1.73 -13.52 -48.17
CA THR B 44 -1.27 -13.41 -46.79
C THR B 44 -1.57 -14.68 -46.01
N GLU B 45 -0.62 -15.13 -45.19
CA GLU B 45 -0.82 -16.29 -44.34
C GLU B 45 -1.22 -15.82 -42.95
N LEU B 46 -2.40 -16.27 -42.50
CA LEU B 46 -2.99 -15.90 -41.23
C LEU B 46 -3.04 -17.08 -40.27
N GLY B 47 -2.71 -16.84 -39.01
CA GLY B 47 -2.95 -17.83 -37.97
C GLY B 47 -4.30 -17.60 -37.30
N LEU B 48 -5.16 -18.61 -37.32
CA LEU B 48 -6.47 -18.57 -36.66
C LEU B 48 -6.47 -19.48 -35.44
N ILE B 49 -7.40 -19.21 -34.52
CA ILE B 49 -7.70 -20.09 -33.40
C ILE B 49 -9.19 -20.37 -33.46
N HIS B 50 -9.55 -21.61 -33.78
CA HIS B 50 -10.98 -21.90 -33.92
C HIS B 50 -11.73 -21.74 -32.60
N ILE B 51 -12.95 -21.21 -32.69
CA ILE B 51 -13.55 -20.63 -31.48
C ILE B 51 -14.10 -21.70 -30.53
N TYR B 52 -14.73 -22.74 -31.06
CA TYR B 52 -15.35 -23.76 -30.24
C TYR B 52 -14.86 -25.14 -30.62
N SER B 53 -15.03 -26.08 -29.69
N SER B 53 -14.95 -26.07 -29.68
CA SER B 53 -14.68 -27.48 -29.91
CA SER B 53 -14.77 -27.48 -29.98
C SER B 53 -15.50 -28.30 -28.92
C SER B 53 -15.56 -28.26 -28.94
N GLU B 54 -16.27 -29.29 -29.39
CA GLU B 54 -17.24 -29.94 -28.52
C GLU B 54 -16.94 -31.39 -28.16
N PHE B 55 -17.26 -31.70 -26.90
CA PHE B 55 -17.24 -33.08 -26.43
C PHE B 55 -18.16 -33.95 -27.30
N PRO B 56 -17.79 -35.20 -27.58
CA PRO B 56 -16.56 -35.88 -27.14
C PRO B 56 -15.43 -35.82 -28.14
N ASP B 57 -15.69 -35.39 -29.36
CA ASP B 57 -14.68 -35.51 -30.42
C ASP B 57 -13.74 -34.34 -30.50
N TYR B 58 -14.12 -33.18 -29.95
CA TYR B 58 -13.28 -31.98 -29.90
C TYR B 58 -12.70 -31.64 -31.27
N ARG B 59 -13.57 -31.52 -32.26
CA ARG B 59 -13.23 -30.99 -33.56
C ARG B 59 -13.61 -29.50 -33.61
N TRP B 60 -13.19 -28.81 -34.68
CA TRP B 60 -13.53 -27.40 -34.84
C TRP B 60 -15.03 -27.21 -34.98
N VAL B 61 -15.57 -26.21 -34.27
CA VAL B 61 -16.97 -25.82 -34.32
C VAL B 61 -16.98 -24.31 -34.51
N LYS B 62 -17.80 -23.83 -35.47
CA LYS B 62 -17.91 -22.38 -35.65
C LYS B 62 -19.02 -21.80 -34.80
N ASP B 63 -19.01 -20.49 -34.68
CA ASP B 63 -20.22 -19.79 -34.28
C ASP B 63 -20.95 -19.39 -35.56
N PRO B 64 -22.19 -19.86 -35.77
CA PRO B 64 -22.82 -19.68 -37.09
C PRO B 64 -23.00 -18.22 -37.48
N ILE B 65 -23.28 -17.36 -36.51
CA ILE B 65 -23.52 -15.95 -36.82
C ILE B 65 -22.19 -15.20 -36.93
N GLU B 66 -21.23 -15.54 -36.09
CA GLU B 66 -20.04 -14.69 -35.96
C GLU B 66 -18.89 -15.10 -36.85
N GLY B 67 -18.57 -16.40 -36.91
CA GLY B 67 -17.50 -16.89 -37.76
C GLY B 67 -16.70 -17.99 -37.07
N VAL B 68 -15.48 -18.23 -37.58
CA VAL B 68 -14.70 -19.37 -37.11
C VAL B 68 -13.64 -18.97 -36.10
N SER B 69 -13.26 -17.70 -36.05
CA SER B 69 -12.16 -17.28 -35.19
C SER B 69 -12.30 -15.79 -34.91
N ALA B 70 -11.92 -15.39 -33.70
CA ALA B 70 -12.05 -14.00 -33.29
C ALA B 70 -10.74 -13.47 -32.74
N ILE B 71 -10.48 -12.18 -32.98
CA ILE B 71 -9.36 -11.50 -32.34
C ILE B 71 -9.43 -11.70 -30.82
N ASP B 72 -10.64 -11.73 -30.25
CA ASP B 72 -10.77 -11.94 -28.80
C ASP B 72 -9.93 -13.11 -28.31
N ASP B 73 -9.95 -14.21 -29.06
CA ASP B 73 -9.17 -15.37 -28.67
C ASP B 73 -7.77 -15.36 -29.27
N VAL B 74 -7.64 -14.94 -30.53
CA VAL B 74 -6.34 -14.94 -31.19
C VAL B 74 -5.35 -14.09 -30.39
N ALA B 75 -5.81 -12.95 -29.90
CA ALA B 75 -4.89 -12.05 -29.18
C ALA B 75 -4.39 -12.72 -27.92
N ARG B 76 -5.25 -13.42 -27.20
CA ARG B 76 -4.80 -14.07 -25.98
C ARG B 76 -3.94 -15.29 -26.30
N ALA B 77 -4.26 -16.01 -27.38
CA ALA B 77 -3.40 -17.11 -27.80
C ALA B 77 -2.00 -16.61 -28.14
N ALA B 78 -1.90 -15.46 -28.80
CA ALA B 78 -0.58 -14.95 -29.18
C ALA B 78 0.26 -14.68 -27.94
N ILE B 79 -0.36 -14.14 -26.89
CA ILE B 79 0.36 -13.89 -25.64
C ILE B 79 0.82 -15.23 -25.05
N PHE B 80 -0.09 -16.22 -25.00
CA PHE B 80 0.30 -17.53 -24.48
C PHE B 80 1.51 -18.10 -25.23
N TYR B 81 1.45 -18.12 -26.55
CA TYR B 81 2.54 -18.75 -27.30
C TYR B 81 3.84 -17.94 -27.21
N GLN B 82 3.74 -16.61 -27.11
CA GLN B 82 4.95 -15.81 -26.92
C GLN B 82 5.59 -16.13 -25.57
N ARG B 83 4.78 -16.28 -24.52
CA ARG B 83 5.35 -16.63 -23.23
C ARG B 83 5.91 -18.04 -23.24
N GLN B 84 5.30 -18.95 -24.01
CA GLN B 84 5.88 -20.28 -24.16
C GLN B 84 7.23 -20.19 -24.86
N TYR B 85 7.29 -19.42 -25.94
CA TYR B 85 8.58 -19.25 -26.62
C TYR B 85 9.62 -18.66 -25.69
N GLN B 86 9.23 -17.66 -24.91
CA GLN B 86 10.17 -17.03 -23.99
C GLN B 86 10.71 -18.04 -23.00
N ALA B 87 9.90 -19.03 -22.63
CA ALA B 87 10.32 -20.02 -21.65
C ALA B 87 11.08 -21.18 -22.28
N THR B 88 10.66 -21.63 -23.47
CA THR B 88 11.17 -22.87 -24.08
C THR B 88 12.04 -22.67 -25.31
N GLY B 89 11.94 -21.54 -26.00
CA GLY B 89 12.67 -21.36 -27.25
C GLY B 89 12.16 -22.15 -28.43
N SER B 90 10.95 -22.71 -28.35
CA SER B 90 10.42 -23.53 -29.44
C SER B 90 10.21 -22.72 -30.72
N ALA B 91 10.86 -23.15 -31.81
CA ALA B 91 10.62 -22.54 -33.12
C ALA B 91 9.15 -22.60 -33.50
N ALA B 92 8.46 -23.68 -33.16
CA ALA B 92 7.05 -23.78 -33.55
C ALA B 92 6.18 -22.81 -32.77
N ASP B 93 6.50 -22.55 -31.51
CA ASP B 93 5.74 -21.52 -30.80
C ASP B 93 5.94 -20.15 -31.43
N LEU B 94 7.18 -19.82 -31.79
CA LEU B 94 7.44 -18.54 -32.43
C LEU B 94 6.70 -18.41 -33.74
N GLU B 95 6.63 -19.50 -34.52
CA GLU B 95 5.89 -19.40 -35.78
C GLU B 95 4.41 -19.15 -35.53
N LYS B 96 3.87 -19.68 -34.44
CA LYS B 96 2.47 -19.37 -34.12
C LYS B 96 2.32 -17.91 -33.72
N VAL B 97 3.25 -17.37 -32.93
CA VAL B 97 3.21 -15.95 -32.57
C VAL B 97 3.15 -15.09 -33.82
N LYS B 98 4.05 -15.36 -34.79
CA LYS B 98 4.10 -14.54 -36.00
C LYS B 98 2.78 -14.62 -36.77
N SER B 99 2.22 -15.83 -36.94
CA SER B 99 1.01 -15.93 -37.75
C SER B 99 -0.19 -15.34 -37.03
N LEU B 100 -0.23 -15.42 -35.69
CA LEU B 100 -1.37 -14.86 -34.97
C LEU B 100 -1.31 -13.34 -35.00
N VAL B 101 -0.10 -12.79 -34.91
CA VAL B 101 0.08 -11.35 -35.09
C VAL B 101 -0.38 -10.93 -36.49
N GLU B 102 -0.05 -11.74 -37.51
N GLU B 102 -0.05 -11.74 -37.51
CA GLU B 102 -0.48 -11.40 -38.86
CA GLU B 102 -0.48 -11.40 -38.86
C GLU B 102 -2.00 -11.30 -38.95
C GLU B 102 -1.99 -11.30 -38.95
N PHE B 103 -2.71 -12.16 -38.23
CA PHE B 103 -4.18 -12.08 -38.22
C PHE B 103 -4.64 -10.80 -37.53
N ILE B 104 -4.02 -10.45 -36.40
CA ILE B 104 -4.37 -9.19 -35.73
C ILE B 104 -4.18 -8.02 -36.68
N LEU B 105 -3.03 -7.96 -37.35
CA LEU B 105 -2.80 -6.85 -38.29
C LEU B 105 -3.76 -6.90 -39.47
N TYR B 106 -4.16 -8.09 -39.89
CA TYR B 106 -5.09 -8.23 -41.01
C TYR B 106 -6.45 -7.64 -40.69
N GLN B 107 -6.83 -7.68 -39.42
CA GLN B 107 -8.12 -7.21 -38.96
C GLN B 107 -8.16 -5.71 -38.69
N ARG B 108 -7.05 -5.00 -38.83
CA ARG B 108 -7.02 -3.55 -38.61
C ARG B 108 -7.79 -2.86 -39.72
N ALA B 109 -8.79 -2.06 -39.35
CA ALA B 109 -9.64 -1.37 -40.33
C ALA B 109 -9.05 -0.02 -40.75
N ASP B 110 -9.67 0.59 -41.76
CA ASP B 110 -9.24 1.92 -42.20
C ASP B 110 -9.43 2.96 -41.09
N ASN B 111 -10.42 2.78 -40.22
CA ASN B 111 -10.61 3.77 -39.15
C ASN B 111 -9.69 3.55 -37.96
N GLY B 112 -8.78 2.56 -38.01
CA GLY B 112 -7.81 2.34 -36.97
C GLY B 112 -8.25 1.39 -35.87
N TYR B 113 -9.54 1.08 -35.79
CA TYR B 113 -10.07 0.03 -34.93
C TYR B 113 -9.92 -1.33 -35.62
N PHE B 114 -10.34 -2.40 -34.95
CA PHE B 114 -10.13 -3.75 -35.46
C PHE B 114 -11.45 -4.46 -35.65
N TYR B 115 -11.55 -5.24 -36.72
CA TYR B 115 -12.63 -6.20 -36.83
C TYR B 115 -12.31 -7.37 -35.91
N ASN B 116 -13.34 -8.12 -35.52
CA ASN B 116 -13.13 -9.21 -34.57
C ASN B 116 -13.05 -10.57 -35.25
N PHE B 117 -14.09 -10.94 -35.99
CA PHE B 117 -14.24 -12.28 -36.52
C PHE B 117 -13.83 -12.40 -37.98
N ILE B 118 -13.40 -13.61 -38.35
CA ILE B 118 -13.29 -14.02 -39.73
C ILE B 118 -14.28 -15.16 -39.93
N TYR B 119 -14.90 -15.19 -41.11
CA TYR B 119 -15.90 -16.18 -41.47
C TYR B 119 -15.25 -17.46 -42.00
N PRO B 120 -16.01 -18.54 -42.13
CA PRO B 120 -15.46 -19.78 -42.70
C PRO B 120 -14.89 -19.63 -44.11
N ASP B 121 -15.41 -18.70 -44.90
CA ASP B 121 -14.87 -18.49 -46.24
C ASP B 121 -13.69 -17.53 -46.24
N HIS B 122 -13.21 -17.15 -45.05
CA HIS B 122 -12.05 -16.30 -44.78
C HIS B 122 -12.26 -14.85 -45.18
N SER B 123 -13.51 -14.46 -45.41
CA SER B 123 -13.84 -13.04 -45.46
C SER B 123 -13.97 -12.51 -44.03
N ILE B 124 -13.74 -11.21 -43.88
CA ILE B 124 -13.83 -10.56 -42.58
C ILE B 124 -15.30 -10.29 -42.26
N ASN B 125 -15.69 -10.57 -41.00
CA ASN B 125 -17.02 -10.20 -40.51
C ASN B 125 -16.99 -8.73 -40.15
N LYS B 126 -17.44 -7.87 -41.07
CA LYS B 126 -17.30 -6.44 -40.84
C LYS B 126 -18.52 -5.81 -40.22
N GLU B 127 -19.71 -6.42 -40.33
CA GLU B 127 -20.94 -5.74 -39.98
C GLU B 127 -21.66 -6.26 -38.74
N TYR B 128 -21.38 -7.48 -38.26
CA TYR B 128 -22.12 -7.98 -37.11
C TYR B 128 -21.67 -7.29 -35.81
N LYS B 129 -22.62 -7.14 -34.87
CA LYS B 129 -22.42 -6.24 -33.73
C LYS B 129 -21.23 -6.63 -32.86
N THR B 130 -20.86 -7.90 -32.82
CA THR B 130 -19.71 -8.33 -32.04
C THR B 130 -18.43 -8.37 -32.87
N SER B 131 -18.43 -7.74 -34.04
CA SER B 131 -17.27 -7.80 -34.91
C SER B 131 -16.90 -6.48 -35.54
N VAL B 132 -17.74 -5.45 -35.41
CA VAL B 132 -17.52 -4.19 -36.11
C VAL B 132 -16.26 -3.52 -35.63
N ALA B 133 -15.69 -2.68 -36.52
CA ALA B 133 -14.46 -1.93 -36.22
C ALA B 133 -14.86 -0.65 -35.51
N GLU B 134 -15.19 -0.83 -34.23
CA GLU B 134 -15.63 0.21 -33.31
C GLU B 134 -14.97 -0.11 -31.98
N PRO B 135 -14.80 0.88 -31.10
CA PRO B 135 -14.12 0.64 -29.82
C PRO B 135 -14.86 -0.42 -29.00
N ASN B 136 -14.14 -1.49 -28.67
CA ASN B 136 -14.77 -2.67 -28.10
C ASN B 136 -13.70 -3.54 -27.46
N TRP B 137 -14.15 -4.63 -26.84
CA TRP B 137 -13.25 -5.58 -26.19
C TRP B 137 -12.10 -6.02 -27.11
N TRP B 138 -12.43 -6.31 -28.36
CA TRP B 138 -11.41 -6.87 -29.22
C TRP B 138 -10.38 -5.84 -29.63
N THR B 139 -10.73 -4.54 -29.67
CA THR B 139 -9.70 -3.53 -29.82
C THR B 139 -8.68 -3.59 -28.69
N TRP B 140 -9.15 -3.64 -27.45
CA TRP B 140 -8.23 -3.58 -26.33
C TRP B 140 -7.36 -4.84 -26.27
N ARG B 141 -7.95 -6.01 -26.49
CA ARG B 141 -7.18 -7.25 -26.51
C ARG B 141 -6.17 -7.27 -27.64
N ALA B 142 -6.55 -6.78 -28.83
CA ALA B 142 -5.59 -6.72 -29.92
C ALA B 142 -4.40 -5.87 -29.53
N LEU B 143 -4.65 -4.69 -28.99
CA LEU B 143 -3.56 -3.79 -28.62
C LEU B 143 -2.68 -4.40 -27.54
N TRP B 144 -3.30 -4.99 -26.52
CA TRP B 144 -2.55 -5.63 -25.45
C TRP B 144 -1.67 -6.76 -25.99
N ALA B 145 -2.21 -7.60 -26.88
CA ALA B 145 -1.38 -8.67 -27.44
C ALA B 145 -0.18 -8.08 -28.19
N LEU B 146 -0.41 -7.05 -29.01
CA LEU B 146 0.69 -6.43 -29.74
C LEU B 146 1.77 -5.86 -28.80
N THR B 147 1.37 -5.14 -27.75
CA THR B 147 2.38 -4.62 -26.85
C THR B 147 3.09 -5.74 -26.10
N GLN B 148 2.38 -6.83 -25.76
CA GLN B 148 3.02 -7.93 -25.04
C GLN B 148 4.05 -8.66 -25.90
N VAL B 149 3.74 -8.92 -27.17
CA VAL B 149 4.63 -9.75 -27.98
C VAL B 149 5.69 -8.94 -28.69
N TYR B 150 5.56 -7.62 -28.70
CA TYR B 150 6.51 -6.81 -29.47
C TYR B 150 7.98 -7.05 -29.11
N PRO B 151 8.38 -7.07 -27.83
CA PRO B 151 9.81 -7.30 -27.57
C PRO B 151 10.32 -8.62 -28.14
N THR B 152 9.49 -9.66 -28.18
CA THR B 152 9.91 -10.91 -28.82
C THR B 152 10.11 -10.72 -30.32
N LEU B 153 9.19 -9.99 -30.96
CA LEU B 153 9.34 -9.76 -32.40
C LEU B 153 10.60 -8.97 -32.71
N VAL B 154 10.94 -8.00 -31.84
CA VAL B 154 12.17 -7.22 -32.05
C VAL B 154 13.36 -8.15 -32.20
N LYS B 155 13.38 -9.21 -31.39
CA LYS B 155 14.51 -10.12 -31.37
C LYS B 155 14.50 -11.11 -32.53
N THR B 156 13.35 -11.36 -33.15
CA THR B 156 13.20 -12.51 -34.04
C THR B 156 12.77 -12.17 -35.47
N ASP B 157 12.07 -11.06 -35.70
CA ASP B 157 11.45 -10.75 -37.00
C ASP B 157 11.32 -9.23 -37.10
N ASN B 158 12.38 -8.60 -37.62
CA ASN B 158 12.40 -7.13 -37.64
C ASN B 158 11.24 -6.55 -38.44
N ALA B 159 10.92 -7.15 -39.60
CA ALA B 159 9.86 -6.59 -40.42
C ALA B 159 8.52 -6.60 -39.70
N LEU B 160 8.19 -7.72 -39.05
CA LEU B 160 6.92 -7.80 -38.33
C LEU B 160 6.95 -6.92 -37.08
N ALA B 161 8.09 -6.82 -36.42
CA ALA B 161 8.22 -5.90 -35.29
C ALA B 161 7.93 -4.46 -35.70
N GLN B 162 8.44 -4.03 -36.86
N GLN B 162 8.43 -4.01 -36.85
CA GLN B 162 8.24 -2.67 -37.36
CA GLN B 162 8.18 -2.63 -37.24
C GLN B 162 6.76 -2.40 -37.60
C GLN B 162 6.70 -2.41 -37.52
N ARG B 163 6.08 -3.31 -38.29
CA ARG B 163 4.65 -3.18 -38.54
C ARG B 163 3.88 -3.16 -37.21
N THR B 164 4.32 -3.96 -36.25
CA THR B 164 3.63 -4.03 -34.97
C THR B 164 3.81 -2.74 -34.19
N ARG B 165 5.04 -2.23 -34.12
CA ARG B 165 5.26 -0.96 -33.42
C ARG B 165 4.43 0.16 -34.04
N GLU B 166 4.45 0.25 -35.38
CA GLU B 166 3.66 1.28 -36.03
C GLU B 166 2.18 1.13 -35.67
N THR B 167 1.68 -0.10 -35.67
CA THR B 167 0.28 -0.32 -35.34
C THR B 167 -0.03 0.03 -33.90
N ILE B 168 0.86 -0.32 -32.97
CA ILE B 168 0.63 0.01 -31.57
C ILE B 168 0.40 1.51 -31.41
N PHE B 169 1.33 2.33 -31.92
CA PHE B 169 1.22 3.74 -31.60
C PHE B 169 0.20 4.44 -32.48
N ALA B 170 -0.11 3.90 -33.66
CA ALA B 170 -1.20 4.49 -34.45
C ALA B 170 -2.54 4.21 -33.80
N THR B 171 -2.71 2.98 -33.29
CA THR B 171 -3.97 2.64 -32.61
C THR B 171 -4.14 3.51 -31.39
N ILE B 172 -3.07 3.71 -30.63
CA ILE B 172 -3.11 4.61 -29.48
C ILE B 172 -3.49 6.01 -29.92
N ASP B 173 -2.99 6.47 -31.08
CA ASP B 173 -3.34 7.82 -31.49
C ASP B 173 -4.83 7.92 -31.83
N VAL B 174 -5.40 6.87 -32.42
CA VAL B 174 -6.83 6.91 -32.73
C VAL B 174 -7.65 6.89 -31.46
N ILE B 175 -7.26 6.04 -30.50
CA ILE B 175 -7.96 5.98 -29.21
C ILE B 175 -7.88 7.31 -28.50
N TYR B 176 -6.70 7.96 -28.52
CA TYR B 176 -6.55 9.26 -27.89
C TYR B 176 -7.48 10.29 -28.52
N LYS B 177 -7.58 10.29 -29.84
CA LYS B 177 -8.39 11.30 -30.51
C LYS B 177 -9.87 11.14 -30.19
N ASP B 178 -10.30 9.91 -29.93
CA ASP B 178 -11.70 9.64 -29.60
C ASP B 178 -11.95 9.67 -28.10
N PHE B 179 -10.92 9.83 -27.31
CA PHE B 179 -11.07 9.73 -25.87
C PHE B 179 -11.82 10.93 -25.32
N ASN B 180 -12.66 10.68 -24.33
CA ASN B 180 -13.45 11.72 -23.68
C ASN B 180 -12.84 11.91 -22.30
N PHE B 181 -12.12 13.02 -22.11
CA PHE B 181 -11.43 13.24 -20.85
C PHE B 181 -12.28 13.98 -19.82
N LYS B 182 -13.41 14.56 -20.23
CA LYS B 182 -14.32 15.22 -19.27
C LYS B 182 -14.90 14.17 -18.34
N GLN B 183 -14.58 14.25 -17.05
CA GLN B 183 -14.91 13.17 -16.12
C GLN B 183 -16.32 13.32 -15.52
N THR B 184 -17.32 13.25 -16.40
CA THR B 184 -18.70 13.36 -15.95
C THR B 184 -19.17 12.04 -15.36
N ARG B 185 -20.13 12.13 -14.45
CA ARG B 185 -20.61 10.97 -13.69
C ARG B 185 -22.09 10.80 -13.95
N GLY B 186 -22.50 9.55 -14.21
CA GLY B 186 -23.88 9.14 -14.12
C GLY B 186 -24.11 8.29 -12.89
N GLU B 187 -25.28 7.66 -12.84
CA GLU B 187 -25.61 6.84 -11.69
C GLU B 187 -26.53 5.71 -12.13
N LYS B 188 -26.32 4.53 -11.55
CA LYS B 188 -27.22 3.39 -11.74
C LYS B 188 -27.52 2.83 -10.35
N GLU B 189 -28.79 2.95 -9.94
CA GLU B 189 -29.20 2.48 -8.61
C GLU B 189 -28.32 3.11 -7.53
N GLY B 190 -27.94 4.37 -7.73
CA GLY B 190 -27.15 5.10 -6.76
C GLY B 190 -25.65 4.93 -6.89
N VAL B 191 -25.19 4.01 -7.74
CA VAL B 191 -23.77 3.72 -7.93
C VAL B 191 -23.21 4.68 -8.97
N ALA B 192 -22.11 5.34 -8.64
CA ALA B 192 -21.51 6.29 -9.58
C ALA B 192 -21.01 5.57 -10.82
N VAL B 193 -21.22 6.19 -11.97
CA VAL B 193 -20.86 5.64 -13.27
C VAL B 193 -19.86 6.59 -13.92
N PRO B 194 -18.64 6.17 -14.23
CA PRO B 194 -17.73 7.06 -14.97
C PRO B 194 -18.08 7.06 -16.44
N GLU B 195 -18.74 8.14 -16.89
CA GLU B 195 -19.19 8.18 -18.28
C GLU B 195 -18.05 8.27 -19.27
N TRP B 196 -16.83 8.58 -18.82
CA TRP B 196 -15.72 8.72 -19.75
C TRP B 196 -15.04 7.40 -20.09
N LEU B 197 -15.32 6.31 -19.37
CA LEU B 197 -14.73 5.05 -19.81
C LEU B 197 -15.52 4.49 -20.99
N PRO B 198 -14.85 3.87 -21.97
CA PRO B 198 -15.58 3.22 -23.07
C PRO B 198 -16.58 2.20 -22.53
N HIS B 199 -17.82 2.28 -23.02
CA HIS B 199 -18.92 1.42 -22.59
C HIS B 199 -19.13 1.45 -21.07
N THR B 200 -18.68 2.52 -20.41
CA THR B 200 -18.60 2.60 -18.96
C THR B 200 -18.13 1.30 -18.30
N ALA B 201 -17.15 0.62 -18.90
CA ALA B 201 -16.79 -0.74 -18.52
C ALA B 201 -15.44 -0.75 -17.81
N GLY B 202 -15.45 -1.09 -16.52
CA GLY B 202 -14.18 -1.19 -15.78
C GLY B 202 -13.32 -2.36 -16.24
N ASP B 203 -13.96 -3.48 -16.62
CA ASP B 203 -13.18 -4.61 -17.11
C ASP B 203 -12.46 -4.27 -18.42
N GLN B 204 -13.17 -3.66 -19.39
CA GLN B 204 -12.50 -3.27 -20.63
C GLN B 204 -11.41 -2.27 -20.36
N ALA B 205 -11.68 -1.30 -19.48
CA ALA B 205 -10.67 -0.31 -19.17
C ALA B 205 -9.41 -0.95 -18.62
N SER B 206 -9.55 -2.06 -17.88
CA SER B 206 -8.38 -2.65 -17.26
C SER B 206 -7.42 -3.19 -18.32
N VAL B 207 -7.96 -3.75 -19.41
CA VAL B 207 -7.09 -4.28 -20.45
C VAL B 207 -6.49 -3.15 -21.28
N LEU B 208 -7.26 -2.10 -21.60
CA LEU B 208 -6.66 -0.95 -22.27
C LEU B 208 -5.58 -0.32 -21.39
N LEU B 209 -5.82 -0.26 -20.08
CA LEU B 209 -4.83 0.31 -19.17
C LEU B 209 -3.54 -0.51 -19.19
N ALA B 211 -2.44 -2.38 -21.67
CA ALA B 211 -1.81 -2.16 -22.98
C ALA B 211 -1.09 -0.82 -23.01
N LEU B 212 -1.73 0.22 -22.49
CA LEU B 212 -1.12 1.54 -22.44
C LEU B 212 0.12 1.54 -21.56
N SER B 213 0.07 0.82 -20.44
CA SER B 213 1.22 0.72 -19.56
C SER B 213 2.40 0.07 -20.27
N ASP B 214 2.13 -0.98 -21.07
CA ASP B 214 3.20 -1.60 -21.85
C ASP B 214 3.79 -0.63 -22.85
N ALA B 215 2.90 0.08 -23.55
CA ALA B 215 3.34 0.98 -24.62
C ALA B 215 4.20 2.10 -24.05
N GLN B 216 3.83 2.59 -22.87
CA GLN B 216 4.57 3.67 -22.22
C GLN B 216 6.02 3.28 -21.97
N ALA B 217 6.28 2.00 -21.70
CA ALA B 217 7.64 1.52 -21.52
C ALA B 217 8.40 1.49 -22.85
N LEU B 218 7.69 1.29 -23.96
CA LEU B 218 8.33 1.25 -25.27
C LEU B 218 8.67 2.64 -25.77
N GLU B 219 7.81 3.60 -25.50
CA GLU B 219 8.07 5.00 -25.85
C GLU B 219 7.14 5.82 -24.97
N ALA B 220 7.69 6.51 -23.98
CA ALA B 220 6.84 7.30 -23.10
C ALA B 220 6.28 8.47 -23.88
N LYS B 221 4.97 8.68 -23.77
CA LYS B 221 4.35 9.87 -24.33
C LYS B 221 3.41 10.44 -23.30
N PRO B 222 3.30 11.78 -23.22
CA PRO B 222 2.37 12.38 -22.25
C PRO B 222 0.93 11.97 -22.48
N GLU B 223 0.49 11.84 -23.76
CA GLU B 223 -0.89 11.41 -24.01
C GLU B 223 -1.17 10.03 -23.44
N ILE B 224 -0.17 9.15 -23.45
CA ILE B 224 -0.39 7.80 -22.93
C ILE B 224 -0.57 7.85 -21.40
N GLU B 225 0.31 8.60 -20.71
CA GLU B 225 0.16 8.74 -19.28
C GLU B 225 -1.18 9.39 -18.93
N LYS B 226 -1.58 10.41 -19.70
CA LYS B 226 -2.87 11.06 -19.46
C LYS B 226 -4.02 10.05 -19.58
N ARG B 229 -3.99 7.57 -16.49
CA ARG B 229 -4.56 8.12 -15.28
C ARG B 229 -6.07 8.29 -15.38
N SER B 230 -6.56 8.63 -16.56
CA SER B 230 -8.01 8.77 -16.74
C SER B 230 -8.70 7.42 -16.59
N LEU B 231 -8.16 6.39 -17.22
CA LEU B 231 -8.76 5.06 -17.10
C LEU B 231 -8.69 4.56 -15.67
N ALA B 232 -7.55 4.77 -15.00
CA ALA B 232 -7.43 4.36 -13.61
C ALA B 232 -8.45 5.08 -12.73
N ALA B 233 -8.67 6.38 -12.97
CA ALA B 233 -9.65 7.13 -12.18
C ALA B 233 -11.06 6.59 -12.37
N GLY B 234 -11.41 6.17 -13.59
CA GLY B 234 -12.72 5.56 -13.79
C GLY B 234 -12.84 4.20 -13.11
N ILE B 235 -11.82 3.35 -13.29
CA ILE B 235 -11.80 2.06 -12.61
C ILE B 235 -11.96 2.24 -11.11
N LEU B 237 -13.22 4.79 -9.42
CA LEU B 237 -14.54 5.30 -9.05
C LEU B 237 -15.55 4.17 -8.93
N GLN B 239 -14.96 1.19 -7.70
CA GLN B 239 -14.67 0.27 -6.60
C GLN B 239 -15.63 0.47 -5.43
N VAL B 240 -16.20 -0.62 -4.93
CA VAL B 240 -16.98 -0.55 -3.69
C VAL B 240 -16.05 -0.20 -2.54
N LYS B 241 -16.36 0.91 -1.85
CA LYS B 241 -15.59 1.38 -0.69
C LYS B 241 -16.56 1.61 0.45
N ASP B 242 -17.16 0.53 0.94
CA ASP B 242 -18.07 0.55 2.06
C ASP B 242 -17.65 -0.60 2.96
N THR B 243 -17.00 -0.28 4.09
CA THR B 243 -16.48 -1.37 4.91
C THR B 243 -17.56 -2.23 5.53
N SER B 244 -18.83 -1.81 5.48
CA SER B 244 -19.92 -2.64 5.99
C SER B 244 -20.50 -3.55 4.91
N SER B 245 -20.08 -3.38 3.67
CA SER B 245 -20.66 -4.17 2.58
C SER B 245 -19.98 -5.54 2.46
N PRO B 246 -20.74 -6.60 2.20
CA PRO B 246 -20.13 -7.89 1.86
C PRO B 246 -19.11 -7.81 0.73
N VAL B 247 -19.33 -6.94 -0.25
CA VAL B 247 -18.44 -6.89 -1.41
C VAL B 247 -17.52 -5.66 -1.38
N ASN B 248 -17.22 -5.18 -0.17
CA ASN B 248 -16.20 -4.16 0.02
C ASN B 248 -14.94 -4.52 -0.75
N GLY B 249 -14.39 -3.54 -1.46
CA GLY B 249 -13.18 -3.75 -2.24
C GLY B 249 -13.39 -4.18 -3.68
N ALA B 250 -14.61 -4.60 -4.05
CA ALA B 250 -14.80 -5.12 -5.40
C ALA B 250 -14.70 -4.02 -6.43
N PHE B 251 -14.01 -4.30 -7.54
CA PHE B 251 -14.03 -3.40 -8.71
C PHE B 251 -15.24 -3.77 -9.56
N LEU B 252 -16.29 -2.94 -9.52
CA LEU B 252 -17.45 -3.24 -10.37
C LEU B 252 -17.03 -3.26 -11.85
N SER B 253 -17.77 -4.03 -12.63
CA SER B 253 -17.45 -4.24 -14.05
C SER B 253 -18.15 -3.26 -14.96
N TRP B 254 -19.40 -2.91 -14.66
CA TRP B 254 -20.22 -2.15 -15.58
C TRP B 254 -21.42 -1.65 -14.81
N GLN B 255 -21.58 -0.32 -14.71
CA GLN B 255 -22.70 0.27 -14.00
C GLN B 255 -22.73 -0.29 -12.58
N ASN B 256 -23.83 -0.92 -12.18
CA ASN B 256 -23.90 -1.50 -10.84
C ASN B 256 -23.64 -3.00 -10.83
N LEU B 257 -22.97 -3.52 -11.86
CA LEU B 257 -22.79 -4.97 -12.05
C LEU B 257 -21.32 -5.35 -11.88
N TRP B 258 -21.08 -6.44 -11.17
CA TRP B 258 -19.78 -7.10 -11.15
C TRP B 258 -19.89 -8.45 -11.84
N HIS B 259 -18.91 -8.81 -12.65
CA HIS B 259 -18.77 -10.20 -13.06
C HIS B 259 -17.30 -10.59 -12.95
N GLY B 260 -17.07 -11.84 -12.57
CA GLY B 260 -15.71 -12.33 -12.46
C GLY B 260 -14.94 -12.32 -13.77
N TYR B 261 -15.58 -12.74 -14.86
CA TYR B 261 -14.81 -12.94 -16.10
C TYR B 261 -14.17 -11.63 -16.54
N GLY B 262 -12.89 -11.69 -16.91
CA GLY B 262 -12.16 -10.58 -17.49
C GLY B 262 -11.95 -9.38 -16.58
N ASN B 263 -12.22 -9.52 -15.28
CA ASN B 263 -12.23 -8.37 -14.38
C ASN B 263 -10.82 -8.16 -13.82
N SER B 264 -9.96 -7.62 -14.69
CA SER B 264 -8.53 -7.51 -14.40
C SER B 264 -8.16 -6.16 -13.79
N GLN B 265 -9.13 -5.43 -13.24
CA GLN B 265 -8.84 -4.11 -12.64
C GLN B 265 -7.71 -4.14 -11.62
N ALA B 266 -7.76 -5.08 -10.67
CA ALA B 266 -6.73 -5.07 -9.61
C ALA B 266 -5.33 -5.26 -10.20
N TYR B 267 -5.16 -6.26 -11.08
CA TYR B 267 -3.87 -6.47 -11.69
C TYR B 267 -3.44 -5.24 -12.50
N ALA B 268 -4.36 -4.68 -13.28
CA ALA B 268 -4.02 -3.53 -14.12
C ALA B 268 -3.55 -2.35 -13.27
N LEU B 269 -4.21 -2.15 -12.13
CA LEU B 269 -3.81 -1.04 -11.26
C LEU B 269 -2.46 -1.31 -10.63
N LEU B 270 -2.13 -2.58 -10.35
CA LEU B 270 -0.79 -2.83 -9.84
C LEU B 270 0.26 -2.56 -10.90
N VAL B 271 -0.01 -2.97 -12.14
CA VAL B 271 0.91 -2.76 -13.24
C VAL B 271 1.06 -1.27 -13.51
N ALA B 272 -0.06 -0.59 -13.67
CA ALA B 272 -0.03 0.85 -13.96
C ALA B 272 0.52 1.63 -12.77
N GLY B 273 0.14 1.22 -11.55
CA GLY B 273 0.67 1.89 -10.38
C GLY B 273 2.18 1.78 -10.29
N ASN B 274 2.72 0.62 -10.67
CA ASN B 274 4.18 0.50 -10.66
C ASN B 274 4.81 1.35 -11.76
N ARG B 275 4.22 1.33 -12.96
CA ARG B 275 4.76 2.11 -14.07
C ARG B 275 4.79 3.60 -13.76
N LEU B 276 3.73 4.11 -13.15
CA LEU B 276 3.61 5.54 -12.88
C LEU B 276 4.07 5.92 -11.47
N GLY B 277 4.45 4.95 -10.63
CA GLY B 277 4.80 5.25 -9.26
C GLY B 277 3.67 5.89 -8.49
N ASP B 278 2.47 5.34 -8.64
CA ASP B 278 1.25 5.91 -8.04
C ASP B 278 0.79 4.95 -6.95
N ARG B 279 1.03 5.33 -5.68
CA ARG B 279 0.70 4.45 -4.56
C ARG B 279 -0.81 4.33 -4.35
N ASP B 280 -1.59 5.32 -4.79
CA ASP B 280 -3.04 5.21 -4.64
C ASP B 280 -3.60 4.10 -5.51
N ILE B 282 -1.99 1.37 -6.28
CA ILE B 282 -1.58 0.13 -5.60
C ILE B 282 -2.50 -0.14 -4.42
N LYS B 283 -2.76 0.88 -3.62
CA LYS B 283 -3.63 0.75 -2.45
C LYS B 283 -5.02 0.25 -2.86
N ALA B 284 -5.58 0.81 -3.93
CA ALA B 284 -6.91 0.36 -4.36
C ALA B 284 -6.90 -1.09 -4.79
N ALA B 285 -5.87 -1.51 -5.53
CA ALA B 285 -5.77 -2.92 -5.92
C ALA B 285 -5.74 -3.82 -4.69
N PHE B 286 -4.89 -3.49 -3.71
CA PHE B 286 -4.80 -4.30 -2.51
C PHE B 286 -6.11 -4.31 -1.74
N ASN B 287 -6.91 -3.24 -1.85
CA ASN B 287 -8.20 -3.22 -1.18
C ASN B 287 -9.10 -4.33 -1.73
N GLU B 288 -9.09 -4.57 -3.04
CA GLU B 288 -9.84 -5.70 -3.56
C GLU B 288 -9.24 -7.04 -3.09
N LEU B 289 -7.90 -7.18 -3.19
CA LEU B 289 -7.27 -8.45 -2.85
C LEU B 289 -7.49 -8.81 -1.39
N ASP B 290 -7.48 -7.81 -0.49
CA ASP B 290 -7.48 -8.12 0.94
C ASP B 290 -8.86 -8.34 1.52
N HIS B 291 -9.92 -7.94 0.81
CA HIS B 291 -11.28 -8.02 1.34
C HIS B 291 -12.18 -8.83 0.42
N PHE B 292 -12.28 -8.44 -0.84
CA PHE B 292 -13.21 -9.07 -1.77
C PHE B 292 -12.75 -10.47 -2.18
N HIS B 293 -11.45 -10.67 -2.43
CA HIS B 293 -11.00 -12.01 -2.80
C HIS B 293 -11.22 -13.03 -1.71
N PRO B 294 -10.90 -12.77 -0.43
CA PRO B 294 -11.24 -13.75 0.60
C PRO B 294 -12.73 -14.02 0.68
N TRP B 295 -13.57 -13.00 0.51
CA TRP B 295 -15.01 -13.20 0.52
C TRP B 295 -15.46 -14.12 -0.61
N LEU B 296 -15.00 -13.85 -1.83
CA LEU B 296 -15.37 -14.69 -2.97
C LEU B 296 -15.03 -16.13 -2.71
N ILE B 297 -13.81 -16.37 -2.22
CA ILE B 297 -13.35 -17.73 -2.02
C ILE B 297 -14.21 -18.46 -1.00
N SER B 298 -14.88 -17.74 -0.10
CA SER B 298 -15.80 -18.37 0.85
C SER B 298 -17.23 -18.51 0.34
N ASN B 299 -17.59 -17.83 -0.74
CA ASN B 299 -18.82 -18.12 -1.45
C ASN B 299 -18.66 -19.29 -2.41
N GLY B 300 -17.45 -19.85 -2.53
CA GLY B 300 -17.17 -20.81 -3.59
C GLY B 300 -16.99 -20.17 -4.95
N LEU B 301 -16.60 -18.89 -4.98
CA LEU B 301 -16.57 -17.99 -6.13
C LEU B 301 -17.97 -17.68 -6.65
N LEU B 302 -18.06 -16.69 -7.54
CA LEU B 302 -19.34 -16.24 -8.09
C LEU B 302 -19.17 -15.91 -9.56
N ASN B 303 -20.29 -15.93 -10.28
CA ASN B 303 -20.36 -15.51 -11.66
C ASN B 303 -20.56 -14.00 -11.77
N GLU B 304 -21.63 -13.47 -11.17
CA GLU B 304 -21.88 -12.03 -11.22
C GLU B 304 -22.78 -11.61 -10.05
N PHE B 305 -22.83 -10.30 -9.82
CA PHE B 305 -23.81 -9.76 -8.88
C PHE B 305 -24.08 -8.30 -9.24
N THR B 306 -25.17 -7.77 -8.68
CA THR B 306 -25.48 -6.36 -8.82
C THR B 306 -25.70 -5.74 -7.44
N VAL B 307 -25.44 -4.44 -7.34
CA VAL B 307 -25.53 -3.72 -6.08
C VAL B 307 -26.39 -2.48 -6.26
N ARG B 308 -26.85 -1.96 -5.14
CA ARG B 308 -27.42 -0.62 -5.08
C ARG B 308 -26.67 0.16 -4.01
N GLN B 309 -26.70 1.48 -4.13
CA GLN B 309 -25.99 2.34 -3.19
C GLN B 309 -26.93 3.43 -2.71
N GLN B 310 -26.95 3.67 -1.41
CA GLN B 310 -27.78 4.68 -0.78
C GLN B 310 -26.85 5.44 0.15
N GLY B 311 -26.49 6.66 -0.24
CA GLY B 311 -25.49 7.39 0.51
C GLY B 311 -24.16 6.67 0.39
N GLU B 312 -23.60 6.24 1.51
CA GLU B 312 -22.36 5.48 1.46
C GLU B 312 -22.57 3.98 1.51
N LYS B 313 -23.81 3.52 1.70
CA LYS B 313 -24.08 2.11 1.97
C LYS B 313 -24.33 1.38 0.65
N VAL B 314 -23.56 0.32 0.41
CA VAL B 314 -23.65 -0.49 -0.80
C VAL B 314 -24.20 -1.85 -0.39
N THR B 315 -25.33 -2.23 -0.96
CA THR B 315 -25.96 -3.49 -0.61
C THR B 315 -26.18 -4.31 -1.87
N LEU B 316 -26.16 -5.62 -1.72
CA LEU B 316 -26.35 -6.52 -2.85
C LEU B 316 -27.81 -6.58 -3.26
N ILE B 317 -28.06 -6.45 -4.56
CA ILE B 317 -29.40 -6.71 -5.08
C ILE B 317 -29.62 -8.20 -5.30
N GLU B 318 -28.71 -8.83 -6.03
CA GLU B 318 -28.81 -10.24 -6.36
C GLU B 318 -27.44 -10.74 -6.76
N GLN B 319 -27.26 -12.05 -6.72
CA GLN B 319 -26.00 -12.64 -7.12
C GLN B 319 -26.25 -13.98 -7.79
N LYS B 320 -25.32 -14.36 -8.65
CA LYS B 320 -25.37 -15.63 -9.38
C LYS B 320 -24.06 -16.37 -9.15
N LYS B 321 -24.15 -17.58 -8.59
CA LYS B 321 -22.93 -18.37 -8.40
C LYS B 321 -22.44 -19.01 -9.69
N PHE B 322 -23.35 -19.28 -10.63
CA PHE B 322 -23.05 -20.01 -11.86
C PHE B 322 -23.46 -19.15 -13.06
N SER B 323 -22.90 -19.44 -14.25
CA SER B 323 -21.87 -20.45 -14.49
C SER B 323 -20.50 -19.90 -14.17
N GLN B 324 -19.57 -20.77 -13.77
CA GLN B 324 -18.19 -20.36 -13.51
C GLN B 324 -17.31 -20.86 -14.65
N ILE B 325 -16.36 -20.01 -15.08
CA ILE B 325 -15.53 -20.30 -16.25
C ILE B 325 -14.10 -19.94 -15.93
N ALA B 326 -13.18 -20.50 -16.73
CA ALA B 326 -11.74 -20.29 -16.50
C ALA B 326 -11.35 -18.82 -16.49
N TYR B 327 -12.05 -18.00 -17.27
CA TYR B 327 -11.76 -16.57 -17.37
C TYR B 327 -12.06 -15.80 -16.08
N ILE B 328 -12.77 -16.40 -15.12
CA ILE B 328 -12.86 -15.81 -13.78
C ILE B 328 -11.53 -15.97 -13.04
N ILE B 329 -10.89 -17.12 -13.22
CA ILE B 329 -9.72 -17.47 -12.42
C ILE B 329 -8.51 -16.65 -12.83
N ARG B 330 -8.25 -16.51 -14.13
CA ARG B 330 -6.98 -15.94 -14.56
C ARG B 330 -6.72 -14.54 -14.00
N PRO B 331 -7.67 -13.61 -14.03
CA PRO B 331 -7.37 -12.27 -13.48
C PRO B 331 -7.09 -12.32 -12.00
N VAL B 333 -5.75 -14.86 -10.28
CA VAL B 333 -4.43 -15.45 -10.06
C VAL B 333 -3.33 -14.47 -10.40
N PHE B 334 -3.47 -13.74 -11.51
CA PHE B 334 -2.44 -12.77 -11.87
C PHE B 334 -2.32 -11.67 -10.81
N ALA B 335 -3.44 -11.16 -10.32
CA ALA B 335 -3.39 -10.11 -9.30
C ALA B 335 -2.74 -10.62 -8.01
N ASN B 336 -3.07 -11.84 -7.58
CA ASN B 336 -2.50 -12.34 -6.33
C ASN B 336 -1.02 -12.63 -6.46
N ILE B 337 -0.57 -13.22 -7.58
CA ILE B 337 0.87 -13.41 -7.77
C ILE B 337 1.58 -12.07 -7.75
N LYS B 338 1.03 -11.06 -8.44
CA LYS B 338 1.66 -9.75 -8.43
C LYS B 338 1.70 -9.15 -7.03
N ALA B 339 0.61 -9.31 -6.26
CA ALA B 339 0.61 -8.82 -4.89
C ALA B 339 1.65 -9.50 -4.01
N TRP B 340 1.81 -10.81 -4.19
CA TRP B 340 2.91 -11.54 -3.53
C TRP B 340 4.27 -10.96 -3.89
N GLU B 341 4.51 -10.71 -5.18
CA GLU B 341 5.80 -10.18 -5.60
C GLU B 341 6.07 -8.81 -4.98
N ILE B 342 5.04 -7.97 -4.86
CA ILE B 342 5.21 -6.64 -4.31
C ILE B 342 5.46 -6.69 -2.80
N SER B 343 4.66 -7.48 -2.07
CA SER B 343 4.55 -7.38 -0.62
C SER B 343 5.34 -8.44 0.14
N ARG B 344 5.78 -9.50 -0.51
N ARG B 344 5.77 -9.50 -0.52
CA ARG B 344 6.42 -10.67 0.12
CA ARG B 344 6.40 -10.64 0.12
C ARG B 344 5.48 -11.41 1.07
C ARG B 344 5.50 -11.24 1.21
N ASP B 345 4.19 -11.10 1.04
CA ASP B 345 3.22 -11.73 1.92
C ASP B 345 2.76 -13.05 1.28
N ALA B 346 3.12 -14.15 1.95
CA ALA B 346 2.83 -15.51 1.46
C ALA B 346 1.34 -15.77 1.27
N VAL B 347 0.46 -15.03 1.97
CA VAL B 347 -0.98 -15.29 1.83
C VAL B 347 -1.42 -15.13 0.38
N TYR B 348 -0.84 -14.18 -0.37
CA TYR B 348 -1.23 -13.97 -1.76
C TYR B 348 -0.81 -15.15 -2.63
N LEU B 349 0.36 -15.75 -2.34
CA LEU B 349 0.80 -16.93 -3.08
C LEU B 349 -0.14 -18.09 -2.78
N GLU B 350 -0.49 -18.27 -1.51
CA GLU B 350 -1.39 -19.35 -1.14
C GLU B 350 -2.73 -19.20 -1.82
N ARG B 351 -3.25 -17.97 -1.87
CA ARG B 351 -4.51 -17.72 -2.57
C ARG B 351 -4.40 -17.95 -4.06
N ALA B 352 -3.30 -17.49 -4.68
CA ALA B 352 -3.11 -17.76 -6.10
C ALA B 352 -3.17 -19.26 -6.40
N VAL B 353 -2.54 -20.08 -5.54
CA VAL B 353 -2.57 -21.53 -5.76
C VAL B 353 -3.96 -22.10 -5.49
N ASP B 354 -4.63 -21.61 -4.44
N ASP B 354 -4.63 -21.61 -4.44
CA ASP B 354 -5.98 -22.11 -4.14
CA ASP B 354 -5.97 -22.09 -4.13
C ASP B 354 -6.92 -21.82 -5.29
C ASP B 354 -6.93 -21.80 -5.28
N LEU B 355 -6.81 -20.63 -5.89
CA LEU B 355 -7.61 -20.30 -7.06
C LEU B 355 -7.24 -21.17 -8.25
N SER B 356 -5.94 -21.40 -8.47
CA SER B 356 -5.54 -22.30 -9.56
C SER B 356 -6.12 -23.70 -9.36
N LEU B 357 -6.35 -24.11 -8.12
CA LEU B 357 -6.94 -25.43 -7.89
C LEU B 357 -8.39 -25.52 -8.35
N TRP B 358 -9.02 -24.39 -8.70
CA TRP B 358 -10.32 -24.48 -9.38
C TRP B 358 -10.25 -25.39 -10.61
N PHE B 359 -9.10 -25.42 -11.29
CA PHE B 359 -8.96 -26.34 -12.41
C PHE B 359 -8.79 -27.79 -12.00
N PHE B 360 -8.57 -28.07 -10.71
CA PHE B 360 -8.26 -29.41 -10.19
C PHE B 360 -9.13 -29.74 -8.99
N LYS B 361 -10.43 -29.52 -9.15
CA LYS B 361 -11.53 -29.96 -8.30
C LYS B 361 -11.84 -29.03 -7.12
N ASN B 362 -11.15 -27.91 -6.94
CA ASN B 362 -11.50 -26.95 -5.90
C ASN B 362 -12.57 -25.99 -6.44
N ASN B 363 -13.76 -26.54 -6.64
CA ASN B 363 -14.85 -25.80 -7.26
C ASN B 363 -16.17 -26.44 -6.83
N PRO B 364 -17.32 -25.82 -7.16
CA PRO B 364 -18.59 -26.31 -6.61
C PRO B 364 -19.00 -27.69 -7.11
N ALA B 365 -18.39 -28.19 -8.18
CA ALA B 365 -18.72 -29.49 -8.74
C ALA B 365 -17.66 -30.54 -8.44
N GLN B 366 -16.61 -30.20 -7.68
CA GLN B 366 -15.49 -31.10 -7.41
C GLN B 366 -14.98 -31.70 -8.72
N ALA B 367 -14.89 -30.86 -9.74
CA ALA B 367 -14.65 -31.30 -11.11
C ALA B 367 -13.23 -30.96 -11.55
N GLN B 368 -12.59 -31.88 -12.28
CA GLN B 368 -11.35 -31.53 -12.95
C GLN B 368 -11.69 -30.75 -14.21
N TYR B 370 -9.24 -28.95 -16.12
CA TYR B 370 -8.12 -28.89 -17.05
C TYR B 370 -7.36 -30.21 -16.97
N TYR B 371 -6.96 -30.72 -18.13
CA TYR B 371 -6.42 -32.07 -18.28
C TYR B 371 -5.00 -32.01 -18.83
N PRO B 372 -3.98 -32.16 -17.99
CA PRO B 372 -2.59 -32.01 -18.46
C PRO B 372 -2.21 -32.98 -19.58
N VAL B 373 -2.83 -34.16 -19.66
CA VAL B 373 -2.43 -35.15 -20.67
C VAL B 373 -2.76 -34.64 -22.07
N THR B 374 -3.88 -33.92 -22.21
CA THR B 374 -4.38 -33.47 -23.50
C THR B 374 -4.39 -31.96 -23.68
N GLY B 375 -4.26 -31.18 -22.60
CA GLY B 375 -4.46 -29.75 -22.67
C GLY B 375 -5.90 -29.30 -22.81
N ILE B 376 -6.86 -30.21 -22.64
CA ILE B 376 -8.28 -29.84 -22.75
C ILE B 376 -8.69 -29.04 -21.52
N ALA B 377 -9.46 -27.97 -21.73
CA ALA B 377 -10.00 -27.14 -20.65
C ALA B 377 -11.50 -27.05 -20.82
N PHE B 378 -12.25 -27.50 -19.81
CA PHE B 378 -13.71 -27.52 -19.94
C PHE B 378 -14.27 -26.09 -19.93
N ASP B 379 -15.43 -25.92 -20.59
CA ASP B 379 -15.99 -24.58 -20.86
C ASP B 379 -16.78 -24.00 -19.71
N GLY B 380 -17.11 -24.77 -18.68
CA GLY B 380 -17.72 -24.11 -17.53
C GLY B 380 -18.37 -25.08 -16.56
N ILE B 381 -18.69 -24.54 -15.38
CA ILE B 381 -19.45 -25.24 -14.35
C ILE B 381 -20.81 -24.58 -14.28
N ASP B 382 -21.86 -25.32 -14.59
CA ASP B 382 -23.17 -24.72 -14.69
C ASP B 382 -24.00 -24.86 -13.43
N SER B 383 -23.66 -25.79 -12.55
CA SER B 383 -24.31 -26.03 -11.27
C SER B 383 -23.36 -26.90 -10.46
N ALA B 384 -23.72 -27.18 -9.21
CA ALA B 384 -22.92 -28.10 -8.40
C ALA B 384 -22.82 -29.50 -9.01
N THR B 385 -23.73 -29.86 -9.92
CA THR B 385 -23.77 -31.20 -10.49
C THR B 385 -23.66 -31.23 -12.01
N THR B 386 -23.39 -30.12 -12.66
CA THR B 386 -23.39 -30.12 -14.12
C THR B 386 -22.21 -29.33 -14.64
N VAL B 387 -21.43 -29.96 -15.52
CA VAL B 387 -20.22 -29.39 -16.08
C VAL B 387 -20.35 -29.39 -17.59
N ASN B 388 -19.96 -28.27 -18.21
CA ASN B 388 -19.92 -28.16 -19.66
C ASN B 388 -18.57 -28.70 -20.12
N LYS B 389 -18.58 -29.87 -20.76
CA LYS B 389 -17.33 -30.55 -21.14
C LYS B 389 -16.81 -30.15 -22.51
N ASN B 390 -17.44 -29.20 -23.19
CA ASN B 390 -16.86 -28.65 -24.39
C ASN B 390 -15.59 -27.88 -24.04
N SER B 391 -14.74 -27.64 -25.04
CA SER B 391 -13.43 -27.03 -24.78
C SER B 391 -13.13 -26.03 -25.90
N GLY B 392 -13.68 -24.83 -25.77
CA GLY B 392 -13.43 -23.78 -26.72
C GLY B 392 -12.08 -23.09 -26.53
N ALA B 393 -11.81 -22.16 -27.45
CA ALA B 393 -10.55 -21.42 -27.41
C ALA B 393 -10.43 -20.62 -26.12
N GLU B 394 -11.46 -19.86 -25.74
CA GLU B 394 -11.29 -18.97 -24.59
C GLU B 394 -10.94 -19.76 -23.33
N SER B 395 -11.68 -20.83 -23.04
CA SER B 395 -11.43 -21.53 -21.79
C SER B 395 -10.07 -22.19 -21.80
N THR B 396 -9.68 -22.75 -22.95
CA THR B 396 -8.35 -23.35 -23.08
C THR B 396 -7.25 -22.31 -22.87
N ILE B 397 -7.36 -21.17 -23.56
CA ILE B 397 -6.33 -20.15 -23.42
C ILE B 397 -6.25 -19.63 -21.99
N GLU B 398 -7.40 -19.45 -21.34
CA GLU B 398 -7.40 -18.89 -19.99
C GLU B 398 -6.81 -19.88 -18.99
N ALA B 399 -7.15 -21.16 -19.09
CA ALA B 399 -6.50 -22.17 -18.26
C ALA B 399 -5.00 -22.17 -18.48
N LEU B 400 -4.58 -22.14 -19.76
CA LEU B 400 -3.14 -22.19 -20.08
C LEU B 400 -2.40 -20.96 -19.57
N LEU B 401 -3.00 -19.76 -19.73
CA LEU B 401 -2.33 -18.55 -19.24
C LEU B 401 -2.16 -18.61 -17.73
N THR B 402 -3.16 -19.15 -17.03
CA THR B 402 -3.10 -19.24 -15.56
C THR B 402 -2.00 -20.20 -15.14
N LEU B 403 -2.02 -21.42 -15.69
CA LEU B 403 -1.04 -22.42 -15.27
C LEU B 403 0.35 -22.11 -15.77
N GLN B 404 0.45 -21.43 -16.92
CA GLN B 404 1.74 -20.94 -17.41
C GLN B 404 2.38 -20.00 -16.41
N LEU B 405 1.60 -19.06 -15.85
CA LEU B 405 2.16 -18.18 -14.82
C LEU B 405 2.62 -18.99 -13.63
N ILE B 406 1.76 -19.90 -13.14
CA ILE B 406 2.14 -20.71 -11.96
C ILE B 406 3.42 -21.47 -12.22
N GLU B 407 3.52 -22.13 -13.37
N GLU B 407 3.49 -22.13 -13.38
CA GLU B 407 4.70 -22.95 -13.56
CA GLU B 407 4.66 -22.95 -13.74
C GLU B 407 5.96 -22.14 -13.85
C GLU B 407 5.93 -22.11 -13.73
N SER B 408 5.84 -20.83 -14.09
CA SER B 408 7.02 -19.97 -14.24
C SER B 408 7.60 -19.50 -12.92
N ILE B 409 6.92 -19.75 -11.81
CA ILE B 409 7.32 -19.30 -10.48
C ILE B 409 7.60 -20.51 -9.62
N PRO B 410 8.87 -20.83 -9.34
CA PRO B 410 9.16 -22.09 -8.65
C PRO B 410 8.36 -22.31 -7.38
N ASP B 411 8.14 -21.29 -6.55
CA ASP B 411 7.41 -21.52 -5.30
C ASP B 411 5.93 -21.81 -5.56
N ALA B 412 5.35 -21.18 -6.59
CA ALA B 412 3.96 -21.46 -6.95
C ALA B 412 3.84 -22.84 -7.56
N LYS B 413 4.74 -23.18 -8.47
CA LYS B 413 4.73 -24.50 -9.10
C LYS B 413 4.79 -25.59 -8.04
N ARG B 414 5.73 -25.44 -7.10
N ARG B 414 5.73 -25.46 -7.10
CA ARG B 414 5.92 -26.45 -6.06
CA ARG B 414 5.90 -26.47 -6.06
C ARG B 414 4.67 -26.57 -5.19
C ARG B 414 4.65 -26.57 -5.20
N LEU B 416 1.55 -25.82 -5.92
CA LEU B 416 0.46 -26.47 -6.66
C LEU B 416 0.72 -27.96 -6.84
N GLU B 417 1.96 -28.34 -7.19
CA GLU B 417 2.28 -29.77 -7.31
C GLU B 417 2.02 -30.51 -6.00
N SER B 418 2.45 -29.94 -4.87
CA SER B 418 2.18 -30.54 -3.58
C SER B 418 0.67 -30.74 -3.38
N ALA B 419 -0.13 -29.74 -3.75
CA ALA B 419 -1.56 -29.85 -3.54
C ALA B 419 -2.15 -30.93 -4.43
N LEU B 420 -1.66 -31.04 -5.67
CA LEU B 420 -2.19 -32.06 -6.59
C LEU B 420 -1.91 -33.48 -6.11
N GLU B 421 -0.78 -33.69 -5.42
CA GLU B 421 -0.46 -35.01 -4.89
C GLU B 421 -1.49 -35.50 -3.88
N LYS B 422 -2.23 -34.57 -3.28
CA LYS B 422 -3.25 -34.90 -2.30
C LYS B 422 -4.64 -35.01 -2.92
N ARG B 423 -4.74 -34.95 -4.24
N ARG B 423 -4.75 -34.93 -4.24
CA ARG B 423 -6.02 -34.96 -4.92
CA ARG B 423 -6.04 -34.99 -4.89
C ARG B 423 -6.05 -36.08 -5.96
C ARG B 423 -6.06 -36.12 -5.91
N ASN B 424 -7.26 -36.41 -6.41
CA ASN B 424 -7.48 -37.46 -7.39
C ASN B 424 -7.53 -36.81 -8.77
N ILE B 425 -6.37 -36.77 -9.44
CA ILE B 425 -6.17 -35.98 -10.65
C ILE B 425 -5.85 -36.92 -11.80
N LYS B 426 -6.47 -36.67 -12.95
CA LYS B 426 -6.13 -37.35 -14.19
C LYS B 426 -4.98 -36.57 -14.84
N GLN B 427 -3.82 -37.18 -14.90
CA GLN B 427 -2.61 -36.52 -15.40
C GLN B 427 -1.51 -37.57 -15.60
#